data_3FJG
#
_entry.id   3FJG
#
_cell.length_a   61.923
_cell.length_b   85.700
_cell.length_c   100.168
_cell.angle_alpha   90.00
_cell.angle_beta   90.04
_cell.angle_gamma   90.00
#
_symmetry.space_group_name_H-M   'P 1 21 1'
#
loop_
_entity.id
_entity.type
_entity.pdbx_description
1 polymer 'Major antigenic peptide PEB3'
2 non-polymer '3-PHOSPHOGLYCERIC ACID'
3 water water
#
_entity_poly.entity_id   1
_entity_poly.type   'polypeptide(L)'
_entity_poly.pdbx_seq_one_letter_code
;MKKIITLFGACALAFSMANADVNLYGPGGPHTALKDIANKYSEKTGVKVNVNFGPQATWFEKAKKDADILFGASDQSALA
IASDFGKDFNVSKIKPLYFREAIILTQKGNPLKIKGLKDLANKKVRIVVPEGAGKSNTSGTGVWEDMIGRTQDIKTIQNF
RNNIVAFVPNSGSARKLFAQDQADAWITWIDWSKSNPDIGTAVAIEKDLVVYRTFNVIAKEGASKETQDFIAYLSSKEAK
EIFKKYGWREH
;
_entity_poly.pdbx_strand_id   A,B,C,D
#
# COMPACT_ATOMS: atom_id res chain seq x y z
N ASP A 21 0.93 -3.25 -26.08
CA ASP A 21 1.60 -4.27 -25.22
C ASP A 21 0.75 -4.60 -23.98
N VAL A 22 0.48 -5.89 -23.79
CA VAL A 22 -0.17 -6.36 -22.58
C VAL A 22 0.91 -6.84 -21.61
N ASN A 23 1.00 -6.20 -20.45
CA ASN A 23 2.03 -6.52 -19.47
C ASN A 23 1.50 -7.27 -18.25
N LEU A 24 2.02 -8.48 -18.04
CA LEU A 24 1.69 -9.27 -16.86
C LEU A 24 2.83 -9.27 -15.86
N TYR A 25 2.49 -9.28 -14.58
CA TYR A 25 3.47 -9.39 -13.51
C TYR A 25 3.05 -10.47 -12.51
N GLY A 26 4.01 -11.23 -12.02
CA GLY A 26 3.71 -12.31 -11.08
C GLY A 26 4.92 -13.13 -10.68
N PRO A 27 4.72 -14.11 -9.81
CA PRO A 27 5.82 -14.94 -9.33
C PRO A 27 6.35 -15.91 -10.39
N GLY A 28 7.59 -16.36 -10.21
CA GLY A 28 8.10 -17.50 -10.94
C GLY A 28 7.25 -18.71 -10.61
N GLY A 29 7.14 -19.64 -11.55
CA GLY A 29 6.30 -20.81 -11.40
C GLY A 29 5.32 -20.91 -12.56
N PRO A 30 4.21 -20.18 -12.46
CA PRO A 30 3.22 -20.11 -13.55
C PRO A 30 3.78 -19.39 -14.78
N HIS A 31 4.90 -18.69 -14.61
CA HIS A 31 5.51 -17.92 -15.70
C HIS A 31 5.86 -18.80 -16.90
N THR A 32 6.32 -20.02 -16.64
CA THR A 32 6.66 -20.95 -17.71
C THR A 32 5.46 -21.26 -18.61
N ALA A 33 4.34 -21.66 -18.01
CA ALA A 33 3.12 -21.88 -18.77
C ALA A 33 2.70 -20.60 -19.50
N LEU A 34 2.76 -19.48 -18.79
CA LEU A 34 2.34 -18.20 -19.34
C LEU A 34 3.21 -17.73 -20.51
N LYS A 35 4.51 -18.02 -20.43
CA LYS A 35 5.43 -17.71 -21.52
C LYS A 35 5.03 -18.45 -22.80
N ASP A 36 4.74 -19.74 -22.69
CA ASP A 36 4.32 -20.53 -23.83
C ASP A 36 2.99 -20.01 -24.39
N ILE A 37 2.04 -19.76 -23.49
CA ILE A 37 0.73 -19.27 -23.87
C ILE A 37 0.82 -17.91 -24.58
N ALA A 38 1.58 -16.99 -23.99
CA ALA A 38 1.75 -15.66 -24.54
C ALA A 38 2.37 -15.71 -25.94
N ASN A 39 3.41 -16.52 -26.08
CA ASN A 39 4.05 -16.70 -27.37
C ASN A 39 3.05 -17.14 -28.44
N LYS A 40 2.28 -18.17 -28.11
CA LYS A 40 1.30 -18.73 -29.02
C LYS A 40 0.22 -17.72 -29.38
N TYR A 41 -0.21 -16.95 -28.38
CA TYR A 41 -1.24 -15.93 -28.56
C TYR A 41 -0.79 -14.76 -29.45
N SER A 42 0.45 -14.30 -29.26
CA SER A 42 1.02 -13.27 -30.11
C SER A 42 1.06 -13.74 -31.56
N GLU A 43 1.50 -14.98 -31.76
CA GLU A 43 1.50 -15.61 -33.09
C GLU A 43 0.16 -15.47 -33.78
N LYS A 44 -0.90 -15.90 -33.09
CA LYS A 44 -2.24 -15.87 -33.66
C LYS A 44 -2.76 -14.45 -33.88
N THR A 45 -2.60 -13.60 -32.87
CA THR A 45 -3.29 -12.31 -32.84
C THR A 45 -2.46 -11.09 -33.22
N GLY A 46 -1.14 -11.19 -33.08
CA GLY A 46 -0.29 -10.02 -33.31
C GLY A 46 -0.24 -9.07 -32.13
N VAL A 47 -0.89 -9.46 -31.03
CA VAL A 47 -0.85 -8.66 -29.81
C VAL A 47 0.39 -9.08 -29.02
N LYS A 48 1.19 -8.08 -28.62
CA LYS A 48 2.41 -8.33 -27.87
C LYS A 48 2.13 -8.52 -26.38
N VAL A 49 2.55 -9.66 -25.85
CA VAL A 49 2.28 -10.00 -24.46
C VAL A 49 3.57 -10.28 -23.69
N ASN A 50 3.85 -9.45 -22.69
CA ASN A 50 5.05 -9.59 -21.89
C ASN A 50 4.76 -10.28 -20.55
N VAL A 51 5.55 -11.30 -20.24
CA VAL A 51 5.40 -12.03 -18.98
C VAL A 51 6.58 -11.75 -18.05
N ASN A 52 6.38 -10.80 -17.14
CA ASN A 52 7.38 -10.46 -16.14
C ASN A 52 7.17 -11.27 -14.86
N PHE A 53 8.24 -11.88 -14.37
CA PHE A 53 8.13 -12.80 -13.24
C PHE A 53 9.32 -12.62 -12.29
N GLY A 54 9.19 -13.15 -11.07
CA GLY A 54 10.24 -13.08 -10.08
C GLY A 54 9.69 -12.66 -8.73
N PRO A 55 10.57 -12.50 -7.74
CA PRO A 55 10.10 -11.97 -6.46
C PRO A 55 9.42 -10.63 -6.67
N GLN A 56 8.38 -10.35 -5.90
CA GLN A 56 7.61 -9.11 -6.04
C GLN A 56 8.49 -7.85 -6.12
N ALA A 57 9.50 -7.76 -5.26
CA ALA A 57 10.34 -6.57 -5.17
C ALA A 57 11.12 -6.28 -6.45
N THR A 58 11.41 -7.32 -7.21
CA THR A 58 12.20 -7.13 -8.43
C THR A 58 11.40 -6.47 -9.56
N TRP A 59 10.08 -6.48 -9.46
CA TRP A 59 9.27 -5.91 -10.53
C TRP A 59 8.15 -4.97 -10.07
N PHE A 60 8.02 -4.78 -8.76
CA PHE A 60 6.92 -3.99 -8.19
C PHE A 60 6.85 -2.55 -8.72
N GLU A 61 7.99 -1.87 -8.76
CA GLU A 61 8.00 -0.47 -9.19
C GLU A 61 7.54 -0.30 -10.63
N LYS A 62 8.11 -1.08 -11.55
CA LYS A 62 7.67 -1.02 -12.94
C LYS A 62 6.20 -1.37 -13.10
N ALA A 63 5.76 -2.42 -12.41
CA ALA A 63 4.37 -2.86 -12.50
C ALA A 63 3.40 -1.76 -12.09
N LYS A 64 3.76 -1.02 -11.04
CA LYS A 64 2.90 0.07 -10.58
C LYS A 64 2.66 1.06 -11.71
N LYS A 65 3.55 1.03 -12.70
CA LYS A 65 3.48 1.92 -13.85
C LYS A 65 2.60 1.34 -14.96
N ASP A 66 2.90 0.10 -15.37
CA ASP A 66 2.29 -0.44 -16.59
C ASP A 66 1.56 -1.79 -16.45
N ALA A 67 1.40 -2.30 -15.24
CA ALA A 67 0.75 -3.61 -15.09
C ALA A 67 -0.67 -3.64 -15.65
N ASP A 68 -0.91 -4.55 -16.59
CA ASP A 68 -2.24 -4.79 -17.11
C ASP A 68 -2.90 -5.93 -16.35
N ILE A 69 -2.10 -6.93 -16.00
CA ILE A 69 -2.59 -8.11 -15.32
C ILE A 69 -1.62 -8.57 -14.25
N LEU A 70 -2.15 -8.92 -13.09
CA LEU A 70 -1.34 -9.61 -12.07
C LEU A 70 -1.75 -11.07 -12.07
N PHE A 71 -0.76 -11.96 -12.14
CA PHE A 71 -1.03 -13.40 -12.03
C PHE A 71 -0.47 -13.94 -10.72
N GLY A 72 -1.05 -15.04 -10.25
CA GLY A 72 -0.71 -15.55 -8.92
C GLY A 72 -0.39 -17.02 -8.85
N ALA A 73 0.30 -17.41 -7.78
CA ALA A 73 0.71 -18.79 -7.57
C ALA A 73 -0.07 -19.43 -6.41
N SER A 74 -0.88 -18.62 -5.75
CA SER A 74 -1.85 -19.08 -4.77
C SER A 74 -2.84 -17.96 -4.57
N ASP A 75 -3.90 -18.20 -3.80
CA ASP A 75 -4.90 -17.17 -3.57
C ASP A 75 -4.46 -16.16 -2.50
N GLN A 76 -3.97 -16.66 -1.37
CA GLN A 76 -3.54 -15.77 -0.29
C GLN A 76 -2.42 -14.83 -0.74
N SER A 77 -1.48 -15.35 -1.53
CA SER A 77 -0.37 -14.53 -1.99
C SER A 77 -0.83 -13.55 -3.06
N ALA A 78 -1.72 -14.00 -3.94
CA ALA A 78 -2.30 -13.12 -4.97
C ALA A 78 -3.11 -11.99 -4.36
N LEU A 79 -3.89 -12.31 -3.33
CA LEU A 79 -4.65 -11.29 -2.59
C LEU A 79 -3.70 -10.28 -1.93
N ALA A 80 -2.60 -10.78 -1.35
CA ALA A 80 -1.59 -9.92 -0.75
C ALA A 80 -0.95 -8.99 -1.77
N ILE A 81 -0.49 -9.57 -2.88
CA ILE A 81 0.22 -8.81 -3.89
C ILE A 81 -0.69 -7.79 -4.59
N ALA A 82 -1.91 -8.21 -4.94
CA ALA A 82 -2.87 -7.30 -5.55
C ALA A 82 -3.27 -6.17 -4.60
N SER A 83 -3.31 -6.45 -3.30
CA SER A 83 -3.59 -5.43 -2.31
C SER A 83 -2.51 -4.35 -2.30
N ASP A 84 -1.27 -4.75 -2.56
CA ASP A 84 -0.14 -3.82 -2.57
C ASP A 84 -0.24 -2.76 -3.67
N PHE A 85 -1.07 -3.02 -4.67
CA PHE A 85 -1.29 -2.09 -5.77
C PHE A 85 -2.38 -1.07 -5.51
N GLY A 86 -3.01 -1.15 -4.35
CA GLY A 86 -4.01 -0.17 -3.96
C GLY A 86 -5.13 -0.01 -4.96
N LYS A 87 -5.49 1.24 -5.23
CA LYS A 87 -6.70 1.56 -5.97
C LYS A 87 -6.69 1.15 -7.44
N ASP A 88 -5.53 0.77 -7.96
CA ASP A 88 -5.40 0.39 -9.37
C ASP A 88 -6.09 -0.94 -9.66
N PHE A 89 -6.13 -1.79 -8.64
CA PHE A 89 -6.78 -3.10 -8.77
C PHE A 89 -7.88 -3.25 -7.73
N ASN A 90 -8.89 -4.04 -8.08
CA ASN A 90 -9.97 -4.37 -7.16
C ASN A 90 -9.88 -5.84 -6.84
N VAL A 91 -9.33 -6.17 -5.66
CA VAL A 91 -8.99 -7.56 -5.34
C VAL A 91 -10.13 -8.58 -5.43
N SER A 92 -11.37 -8.12 -5.45
CA SER A 92 -12.51 -9.01 -5.57
C SER A 92 -12.53 -9.65 -6.96
N LYS A 93 -11.70 -9.13 -7.86
CA LYS A 93 -11.67 -9.61 -9.25
C LYS A 93 -10.62 -10.69 -9.52
N ILE A 94 -9.96 -11.17 -8.47
CA ILE A 94 -9.01 -12.26 -8.63
C ILE A 94 -9.72 -13.51 -9.15
N LYS A 95 -9.20 -14.09 -10.24
CA LYS A 95 -9.84 -15.22 -10.90
C LYS A 95 -9.03 -16.52 -10.81
N PRO A 96 -9.51 -17.48 -10.01
CA PRO A 96 -8.89 -18.80 -10.01
C PRO A 96 -9.17 -19.52 -11.33
N LEU A 97 -8.13 -20.06 -11.96
CA LEU A 97 -8.30 -20.73 -13.25
C LEU A 97 -7.82 -22.18 -13.26
N TYR A 98 -6.73 -22.46 -12.55
CA TYR A 98 -6.18 -23.82 -12.44
C TYR A 98 -5.63 -24.08 -11.05
N PHE A 99 -5.38 -25.34 -10.73
CA PHE A 99 -4.69 -25.72 -9.50
C PHE A 99 -3.64 -26.78 -9.79
N ARG A 100 -2.67 -26.92 -8.88
CA ARG A 100 -1.73 -28.04 -8.93
C ARG A 100 -1.38 -28.49 -7.51
N GLU A 101 -0.88 -29.71 -7.38
CA GLU A 101 -0.58 -30.27 -6.07
C GLU A 101 0.79 -29.85 -5.55
N ALA A 102 0.93 -29.82 -4.23
CA ALA A 102 2.23 -29.61 -3.63
C ALA A 102 3.01 -30.90 -3.83
N ILE A 103 4.34 -30.80 -3.81
CA ILE A 103 5.20 -31.98 -3.88
C ILE A 103 6.39 -31.85 -2.94
N ILE A 104 7.11 -32.95 -2.77
CA ILE A 104 8.41 -32.94 -2.16
C ILE A 104 9.45 -33.00 -3.28
N LEU A 105 10.32 -32.00 -3.34
CA LEU A 105 11.43 -32.05 -4.27
C LEU A 105 12.69 -32.50 -3.52
N THR A 106 13.20 -33.66 -3.92
CA THR A 106 14.41 -34.21 -3.32
C THR A 106 15.57 -34.04 -4.28
N GLN A 107 16.79 -34.07 -3.76
CA GLN A 107 17.95 -33.97 -4.63
C GLN A 107 17.86 -35.05 -5.68
N LYS A 108 18.46 -34.82 -6.84
CA LYS A 108 18.39 -35.76 -7.95
C LYS A 108 18.77 -37.17 -7.49
N GLY A 109 17.90 -38.14 -7.79
CA GLY A 109 18.12 -39.52 -7.38
C GLY A 109 17.46 -39.89 -6.06
N ASN A 110 16.99 -38.90 -5.32
CA ASN A 110 16.37 -39.12 -4.01
C ASN A 110 17.22 -40.03 -3.11
N PRO A 111 18.45 -39.60 -2.79
CA PRO A 111 19.39 -40.48 -2.09
C PRO A 111 18.88 -40.97 -0.74
N LEU A 112 18.04 -40.18 -0.07
CA LEU A 112 17.56 -40.53 1.27
C LEU A 112 16.28 -41.36 1.24
N LYS A 113 15.85 -41.75 0.04
CA LYS A 113 14.67 -42.61 -0.16
C LYS A 113 13.41 -42.08 0.52
N ILE A 114 13.17 -40.78 0.39
CA ILE A 114 11.98 -40.15 0.95
C ILE A 114 10.71 -40.62 0.20
N LYS A 115 9.69 -40.96 0.96
CA LYS A 115 8.47 -41.52 0.38
C LYS A 115 7.24 -40.63 0.58
N GLY A 116 7.39 -39.59 1.39
CA GLY A 116 6.29 -38.65 1.63
C GLY A 116 6.55 -37.81 2.88
N LEU A 117 5.52 -37.10 3.33
CA LEU A 117 5.67 -36.17 4.46
C LEU A 117 5.92 -36.87 5.80
N LYS A 118 5.20 -37.95 6.06
CA LYS A 118 5.40 -38.72 7.29
C LYS A 118 6.84 -39.21 7.37
N ASP A 119 7.36 -39.65 6.23
CA ASP A 119 8.74 -40.12 6.12
C ASP A 119 9.74 -39.01 6.46
N LEU A 120 9.45 -37.79 6.02
CA LEU A 120 10.26 -36.63 6.36
C LEU A 120 10.27 -36.39 7.86
N ALA A 121 9.09 -36.46 8.47
CA ALA A 121 8.97 -36.28 9.91
C ALA A 121 9.84 -37.27 10.68
N ASN A 122 9.97 -38.48 10.13
CA ASN A 122 10.65 -39.56 10.82
C ASN A 122 12.17 -39.61 10.61
N LYS A 123 12.63 -39.18 9.44
CA LYS A 123 14.03 -39.27 9.09
C LYS A 123 14.79 -38.02 9.53
N LYS A 124 16.12 -38.14 9.63
CA LYS A 124 16.96 -36.97 9.86
C LYS A 124 17.23 -36.32 8.51
N VAL A 125 16.38 -35.38 8.13
CA VAL A 125 16.50 -34.72 6.85
C VAL A 125 16.44 -33.21 7.04
N ARG A 126 16.94 -32.47 6.06
CA ARG A 126 16.85 -31.02 6.06
C ARG A 126 15.80 -30.55 5.05
N ILE A 127 14.76 -29.89 5.56
CA ILE A 127 13.65 -29.46 4.74
C ILE A 127 13.68 -27.94 4.62
N VAL A 128 13.32 -27.44 3.44
CA VAL A 128 13.16 -26.01 3.23
C VAL A 128 11.73 -25.74 2.77
N VAL A 129 11.14 -24.68 3.31
CA VAL A 129 9.76 -24.31 2.97
C VAL A 129 9.68 -22.80 2.80
N PRO A 130 8.84 -22.33 1.86
CA PRO A 130 8.64 -20.89 1.78
C PRO A 130 7.53 -20.45 2.74
N GLU A 131 7.86 -19.49 3.61
CA GLU A 131 6.89 -18.92 4.52
C GLU A 131 7.09 -17.41 4.55
N GLY A 132 6.02 -16.67 4.35
CA GLY A 132 6.13 -15.22 4.19
C GLY A 132 6.52 -14.49 5.46
N ALA A 133 6.12 -15.04 6.61
CA ALA A 133 6.37 -14.40 7.90
C ALA A 133 5.81 -12.98 7.97
N GLY A 134 4.81 -12.70 7.14
CA GLY A 134 4.15 -11.39 7.12
C GLY A 134 4.95 -10.28 6.45
N LYS A 135 6.13 -10.62 5.92
CA LYS A 135 7.01 -9.63 5.32
C LYS A 135 7.35 -9.96 3.86
N SER A 136 6.76 -11.03 3.36
CA SER A 136 6.93 -11.43 1.98
C SER A 136 5.68 -12.19 1.56
N ASN A 137 5.23 -11.98 0.33
CA ASN A 137 4.04 -12.65 -0.17
C ASN A 137 4.38 -13.85 -1.05
N THR A 138 4.22 -15.05 -0.49
CA THR A 138 4.62 -16.27 -1.19
C THR A 138 3.52 -17.34 -1.17
N SER A 139 3.49 -18.15 -2.23
CA SER A 139 2.50 -19.20 -2.38
C SER A 139 2.64 -20.29 -1.31
N GLY A 140 3.81 -20.33 -0.68
CA GLY A 140 4.10 -21.38 0.30
C GLY A 140 3.43 -21.22 1.64
N THR A 141 3.08 -19.97 1.99
CA THR A 141 2.54 -19.66 3.31
C THR A 141 1.36 -20.56 3.73
N GLY A 142 1.53 -21.22 4.87
CA GLY A 142 0.49 -22.07 5.44
C GLY A 142 0.47 -23.47 4.88
N VAL A 143 1.30 -23.75 3.88
CA VAL A 143 1.24 -25.05 3.19
C VAL A 143 1.72 -26.23 4.02
N TRP A 144 2.95 -26.16 4.54
CA TRP A 144 3.49 -27.32 5.26
C TRP A 144 2.62 -27.71 6.46
N GLU A 145 2.15 -26.73 7.22
CA GLU A 145 1.39 -27.03 8.43
C GLU A 145 0.03 -27.63 8.10
N ASP A 146 -0.59 -27.18 7.02
CA ASP A 146 -1.88 -27.71 6.62
C ASP A 146 -1.81 -29.16 6.14
N MET A 147 -0.69 -29.54 5.54
CA MET A 147 -0.50 -30.91 5.09
C MET A 147 -0.14 -31.84 6.24
N ILE A 148 0.92 -31.53 6.97
CA ILE A 148 1.35 -32.37 8.08
C ILE A 148 0.36 -32.36 9.24
N GLY A 149 -0.46 -31.31 9.32
CA GLY A 149 -1.49 -31.22 10.35
C GLY A 149 -2.57 -32.27 10.19
N ARG A 150 -2.80 -32.67 8.93
CA ARG A 150 -3.86 -33.64 8.61
C ARG A 150 -3.51 -35.07 9.04
N THR A 151 -2.31 -35.23 9.59
CA THR A 151 -1.95 -36.50 10.24
C THR A 151 -2.62 -36.57 11.61
N GLN A 152 -3.16 -35.43 12.04
CA GLN A 152 -3.78 -35.26 13.36
C GLN A 152 -2.96 -35.90 14.48
N ASP A 153 -1.65 -35.66 14.45
CA ASP A 153 -0.74 -36.22 15.43
C ASP A 153 0.33 -35.20 15.77
N ILE A 154 0.29 -34.69 16.99
CA ILE A 154 1.15 -33.58 17.40
C ILE A 154 2.66 -33.88 17.35
N LYS A 155 3.05 -35.11 17.66
CA LYS A 155 4.46 -35.50 17.65
C LYS A 155 5.00 -35.51 16.23
N THR A 156 4.16 -35.97 15.30
CA THR A 156 4.47 -35.91 13.88
C THR A 156 4.68 -34.47 13.41
N ILE A 157 3.71 -33.62 13.72
CA ILE A 157 3.83 -32.20 13.39
C ILE A 157 5.11 -31.63 13.97
N GLN A 158 5.39 -31.95 15.23
CA GLN A 158 6.55 -31.45 15.95
C GLN A 158 7.84 -31.93 15.30
N ASN A 159 7.82 -33.19 14.89
CA ASN A 159 8.99 -33.84 14.29
C ASN A 159 9.29 -33.30 12.90
N PHE A 160 8.23 -33.10 12.11
CA PHE A 160 8.36 -32.49 10.80
C PHE A 160 8.95 -31.08 10.91
N ARG A 161 8.41 -30.29 11.84
CA ARG A 161 8.87 -28.92 12.03
C ARG A 161 10.33 -28.84 12.47
N ASN A 162 10.74 -29.75 13.35
CA ASN A 162 12.13 -29.82 13.80
C ASN A 162 13.14 -30.10 12.67
N ASN A 163 12.68 -30.76 11.61
CA ASN A 163 13.51 -31.02 10.44
C ASN A 163 13.61 -29.85 9.45
N ILE A 164 12.80 -28.81 9.65
CA ILE A 164 12.85 -27.63 8.78
C ILE A 164 14.05 -26.77 9.15
N VAL A 165 15.03 -26.71 8.25
CA VAL A 165 16.26 -25.99 8.51
C VAL A 165 16.17 -24.52 8.06
N ALA A 166 15.15 -24.21 7.26
CA ALA A 166 15.02 -22.87 6.73
C ALA A 166 13.57 -22.54 6.36
N PHE A 167 13.08 -21.42 6.89
CA PHE A 167 11.84 -20.83 6.42
C PHE A 167 12.25 -19.64 5.54
N VAL A 168 11.99 -19.74 4.25
CA VAL A 168 12.48 -18.74 3.29
C VAL A 168 11.36 -17.86 2.76
N PRO A 169 11.70 -16.63 2.31
CA PRO A 169 10.71 -15.62 1.92
C PRO A 169 9.87 -15.99 0.70
N ASN A 170 10.41 -16.81 -0.19
CA ASN A 170 9.71 -17.20 -1.41
C ASN A 170 10.29 -18.45 -2.07
N SER A 171 9.64 -18.93 -3.13
CA SER A 171 10.06 -20.13 -3.83
C SER A 171 11.43 -20.01 -4.50
N GLY A 172 11.80 -18.79 -4.90
CA GLY A 172 13.10 -18.55 -5.52
C GLY A 172 14.22 -18.68 -4.50
N SER A 173 13.94 -18.27 -3.27
CA SER A 173 14.91 -18.39 -2.18
C SER A 173 15.12 -19.86 -1.84
N ALA A 174 14.03 -20.63 -1.86
CA ALA A 174 14.09 -22.07 -1.59
C ALA A 174 14.82 -22.81 -2.71
N ARG A 175 14.56 -22.41 -3.94
CA ARG A 175 15.23 -22.99 -5.11
C ARG A 175 16.75 -22.87 -4.99
N LYS A 176 17.20 -21.68 -4.60
CA LYS A 176 18.63 -21.38 -4.48
C LYS A 176 19.30 -22.14 -3.33
N LEU A 177 18.61 -22.22 -2.20
CA LEU A 177 19.10 -22.95 -1.04
C LEU A 177 19.23 -24.41 -1.42
N PHE A 178 18.18 -24.93 -2.06
CA PHE A 178 18.12 -26.31 -2.52
C PHE A 178 19.20 -26.64 -3.54
N ALA A 179 19.43 -25.72 -4.49
CA ALA A 179 20.43 -25.91 -5.53
C ALA A 179 21.85 -25.96 -4.94
N GLN A 180 22.05 -25.28 -3.82
CA GLN A 180 23.34 -25.33 -3.14
C GLN A 180 23.47 -26.52 -2.18
N ASP A 181 22.63 -27.53 -2.38
CA ASP A 181 22.62 -28.74 -1.55
C ASP A 181 22.62 -28.46 -0.04
N GLN A 182 21.92 -27.39 0.35
CA GLN A 182 21.78 -27.05 1.77
C GLN A 182 20.47 -27.57 2.36
N ALA A 183 19.61 -28.13 1.51
CA ALA A 183 18.38 -28.77 1.97
C ALA A 183 18.21 -30.11 1.25
N ASP A 184 17.71 -31.10 1.99
CA ASP A 184 17.45 -32.42 1.44
C ASP A 184 16.12 -32.43 0.73
N ALA A 185 15.16 -31.67 1.27
CA ALA A 185 13.83 -31.66 0.71
C ALA A 185 13.23 -30.26 0.70
N TRP A 186 12.61 -29.91 -0.42
CA TRP A 186 11.99 -28.61 -0.57
C TRP A 186 10.51 -28.83 -0.88
N ILE A 187 9.67 -28.32 0.00
CA ILE A 187 8.22 -28.43 -0.15
C ILE A 187 7.76 -27.37 -1.16
N THR A 188 7.38 -27.82 -2.34
CA THR A 188 7.07 -26.92 -3.45
C THR A 188 5.86 -27.38 -4.27
N TRP A 189 5.82 -26.99 -5.54
CA TRP A 189 4.70 -27.32 -6.42
C TRP A 189 5.14 -28.17 -7.60
N ILE A 190 4.24 -29.03 -8.07
CA ILE A 190 4.56 -29.91 -9.19
C ILE A 190 5.13 -29.12 -10.38
N ASP A 191 4.59 -27.93 -10.63
CA ASP A 191 5.04 -27.12 -11.76
C ASP A 191 6.52 -26.74 -11.66
N TRP A 192 7.04 -26.53 -10.46
CA TRP A 192 8.45 -26.23 -10.30
C TRP A 192 9.33 -27.39 -10.75
N SER A 193 8.81 -28.61 -10.61
CA SER A 193 9.52 -29.80 -11.09
C SER A 193 9.34 -30.00 -12.59
N LYS A 194 8.12 -29.81 -13.07
CA LYS A 194 7.85 -29.87 -14.50
C LYS A 194 8.71 -28.87 -15.28
N SER A 195 8.82 -27.65 -14.75
CA SER A 195 9.60 -26.61 -15.42
C SER A 195 11.10 -26.86 -15.27
N ASN A 196 11.48 -27.68 -14.29
CA ASN A 196 12.89 -27.93 -13.97
C ASN A 196 13.16 -29.39 -13.63
N PRO A 197 12.96 -30.30 -14.60
CA PRO A 197 13.02 -31.74 -14.37
C PRO A 197 14.39 -32.24 -13.90
N ASP A 198 15.46 -31.55 -14.27
CA ASP A 198 16.82 -31.98 -13.91
C ASP A 198 17.24 -31.48 -12.53
N ILE A 199 16.48 -30.53 -11.99
CA ILE A 199 16.81 -29.88 -10.73
C ILE A 199 16.72 -30.84 -9.54
N GLY A 200 15.79 -31.78 -9.60
CA GLY A 200 15.63 -32.76 -8.54
C GLY A 200 14.64 -33.85 -8.88
N THR A 201 14.33 -34.70 -7.90
CA THR A 201 13.37 -35.78 -8.08
C THR A 201 12.11 -35.51 -7.25
N ALA A 202 10.98 -35.44 -7.93
CA ALA A 202 9.71 -35.15 -7.26
C ALA A 202 9.14 -36.38 -6.59
N VAL A 203 8.80 -36.25 -5.31
CA VAL A 203 8.15 -37.30 -4.56
C VAL A 203 6.72 -36.88 -4.27
N ALA A 204 5.76 -37.70 -4.70
CA ALA A 204 4.35 -37.41 -4.50
C ALA A 204 4.00 -37.41 -3.02
N ILE A 205 3.21 -36.42 -2.61
CA ILE A 205 2.74 -36.32 -1.23
C ILE A 205 1.49 -37.19 -1.03
N GLU A 206 1.40 -37.85 0.12
CA GLU A 206 0.23 -38.65 0.45
C GLU A 206 -1.08 -37.93 0.08
N LYS A 207 -2.00 -38.66 -0.53
CA LYS A 207 -3.27 -38.11 -1.00
C LYS A 207 -4.11 -37.49 0.11
N ASP A 208 -4.09 -38.12 1.28
CA ASP A 208 -4.91 -37.68 2.39
C ASP A 208 -4.34 -36.44 3.08
N LEU A 209 -3.12 -36.07 2.71
CA LEU A 209 -2.43 -34.95 3.34
C LEU A 209 -2.22 -33.76 2.40
N VAL A 210 -2.01 -34.03 1.12
CA VAL A 210 -1.62 -33.00 0.15
C VAL A 210 -2.63 -31.87 -0.01
N VAL A 211 -2.13 -30.66 -0.25
CA VAL A 211 -2.99 -29.53 -0.60
C VAL A 211 -2.77 -29.08 -2.04
N TYR A 212 -3.82 -28.51 -2.63
CA TYR A 212 -3.79 -28.02 -3.99
C TYR A 212 -4.07 -26.53 -3.98
N ARG A 213 -3.16 -25.75 -4.55
CA ARG A 213 -3.38 -24.31 -4.66
C ARG A 213 -3.49 -23.83 -6.10
N THR A 214 -3.90 -22.58 -6.28
CA THR A 214 -4.37 -22.14 -7.59
C THR A 214 -3.46 -21.17 -8.32
N PHE A 215 -3.61 -21.17 -9.64
CA PHE A 215 -3.14 -20.08 -10.48
C PHE A 215 -4.30 -19.12 -10.64
N ASN A 216 -4.01 -17.83 -10.62
CA ASN A 216 -5.07 -16.85 -10.81
C ASN A 216 -4.59 -15.63 -11.59
N VAL A 217 -5.53 -14.84 -12.07
CA VAL A 217 -5.22 -13.59 -12.75
C VAL A 217 -6.16 -12.49 -12.26
N ILE A 218 -5.70 -11.25 -12.36
CA ILE A 218 -6.57 -10.10 -12.18
C ILE A 218 -6.17 -8.97 -13.11
N ALA A 219 -7.14 -8.47 -13.88
CA ALA A 219 -6.91 -7.34 -14.77
C ALA A 219 -7.01 -6.05 -13.98
N LYS A 220 -6.16 -5.09 -14.31
CA LYS A 220 -6.23 -3.77 -13.68
C LYS A 220 -7.57 -3.12 -13.96
N GLU A 221 -7.94 -2.16 -13.12
CA GLU A 221 -9.16 -1.40 -13.34
C GLU A 221 -9.00 -0.58 -14.61
N GLY A 222 -10.01 -0.66 -15.49
CA GLY A 222 -9.97 0.03 -16.78
C GLY A 222 -9.12 -0.70 -17.80
N ALA A 223 -8.92 -1.99 -17.58
CA ALA A 223 -8.11 -2.80 -18.49
C ALA A 223 -8.61 -2.71 -19.93
N SER A 224 -7.67 -2.76 -20.87
CA SER A 224 -7.99 -2.68 -22.30
C SER A 224 -8.73 -3.92 -22.82
N LYS A 225 -9.38 -3.76 -23.97
CA LYS A 225 -10.08 -4.86 -24.62
C LYS A 225 -9.11 -6.00 -24.90
N GLU A 226 -7.87 -5.65 -25.22
CA GLU A 226 -6.85 -6.65 -25.56
C GLU A 226 -6.35 -7.38 -24.32
N THR A 227 -6.25 -6.67 -23.20
CA THR A 227 -5.90 -7.27 -21.93
C THR A 227 -6.95 -8.32 -21.55
N GLN A 228 -8.22 -7.93 -21.61
CA GLN A 228 -9.34 -8.85 -21.36
C GLN A 228 -9.33 -10.03 -22.33
N ASP A 229 -9.08 -9.75 -23.60
CA ASP A 229 -9.00 -10.81 -24.61
C ASP A 229 -7.97 -11.87 -24.27
N PHE A 230 -6.82 -11.45 -23.76
CA PHE A 230 -5.78 -12.39 -23.36
C PHE A 230 -6.23 -13.21 -22.15
N ILE A 231 -6.86 -12.55 -21.19
CA ILE A 231 -7.39 -13.28 -20.04
C ILE A 231 -8.33 -14.40 -20.48
N ALA A 232 -9.23 -14.08 -21.42
CA ALA A 232 -10.17 -15.06 -21.95
C ALA A 232 -9.44 -16.25 -22.59
N TYR A 233 -8.35 -15.94 -23.28
CA TYR A 233 -7.52 -16.94 -23.95
C TYR A 233 -6.90 -17.93 -22.98
N LEU A 234 -6.69 -17.49 -21.74
CA LEU A 234 -6.15 -18.34 -20.70
C LEU A 234 -7.07 -19.52 -20.36
N SER A 235 -8.34 -19.42 -20.77
CA SER A 235 -9.29 -20.51 -20.57
C SER A 235 -9.61 -21.24 -21.88
N SER A 236 -8.82 -20.99 -22.91
CA SER A 236 -9.03 -21.61 -24.21
C SER A 236 -8.51 -23.04 -24.20
N LYS A 237 -8.88 -23.81 -25.22
CA LYS A 237 -8.44 -25.19 -25.36
C LYS A 237 -6.92 -25.24 -25.42
N GLU A 238 -6.35 -24.29 -26.15
CA GLU A 238 -4.91 -24.20 -26.35
C GLU A 238 -4.15 -23.92 -25.06
N ALA A 239 -4.62 -22.95 -24.30
CA ALA A 239 -4.00 -22.61 -23.02
C ALA A 239 -4.09 -23.77 -22.04
N LYS A 240 -5.27 -24.41 -22.01
CA LYS A 240 -5.52 -25.55 -21.13
C LYS A 240 -4.45 -26.62 -21.28
N GLU A 241 -4.11 -26.95 -22.53
CA GLU A 241 -3.14 -28.02 -22.77
C GLU A 241 -1.72 -27.60 -22.39
N ILE A 242 -1.39 -26.34 -22.60
CA ILE A 242 -0.10 -25.81 -22.18
C ILE A 242 -0.02 -25.78 -20.65
N PHE A 243 -1.08 -25.27 -20.02
CA PHE A 243 -1.14 -25.32 -18.56
C PHE A 243 -1.01 -26.75 -18.07
N LYS A 244 -1.69 -27.67 -18.75
CA LYS A 244 -1.70 -29.07 -18.35
C LYS A 244 -0.29 -29.68 -18.33
N LYS A 245 0.53 -29.33 -19.30
CA LYS A 245 1.85 -29.96 -19.39
C LYS A 245 2.82 -29.50 -18.29
N TYR A 246 2.48 -28.41 -17.61
CA TYR A 246 3.25 -27.98 -16.46
C TYR A 246 2.61 -28.45 -15.14
N GLY A 247 1.51 -29.18 -15.25
CA GLY A 247 0.87 -29.78 -14.07
C GLY A 247 -0.38 -29.08 -13.56
N TRP A 248 -0.76 -27.98 -14.21
CA TRP A 248 -1.94 -27.23 -13.78
C TRP A 248 -3.22 -27.89 -14.30
N ARG A 249 -4.17 -28.12 -13.39
CA ARG A 249 -5.34 -28.96 -13.65
C ARG A 249 -6.68 -28.25 -13.45
N GLU A 250 -7.77 -28.98 -13.70
CA GLU A 250 -9.15 -28.44 -13.58
C GLU A 250 -10.18 -28.96 -12.54
N HIS A 251 -10.41 -30.25 -12.20
CA HIS A 251 -9.91 -31.57 -12.68
C HIS A 251 -8.53 -31.77 -13.29
N ASP B 21 6.29 -12.27 37.85
CA ASP B 21 5.15 -12.22 36.88
C ASP B 21 5.54 -12.73 35.50
N VAL B 22 4.91 -13.82 35.08
CA VAL B 22 5.11 -14.35 33.74
C VAL B 22 4.06 -13.77 32.79
N ASN B 23 4.50 -13.05 31.77
CA ASN B 23 3.57 -12.41 30.85
C ASN B 23 3.50 -13.09 29.48
N LEU B 24 2.29 -13.40 29.06
CA LEU B 24 2.06 -14.03 27.76
C LEU B 24 1.31 -13.10 26.80
N TYR B 25 1.74 -13.10 25.54
CA TYR B 25 1.05 -12.35 24.49
C TYR B 25 0.72 -13.23 23.30
N GLY B 26 -0.45 -13.01 22.70
CA GLY B 26 -0.90 -13.79 21.55
C GLY B 26 -2.30 -13.37 21.16
N PRO B 27 -2.85 -14.00 20.11
CA PRO B 27 -4.16 -13.68 19.58
C PRO B 27 -5.31 -14.19 20.46
N GLY B 28 -6.48 -13.58 20.32
CA GLY B 28 -7.68 -14.13 20.93
C GLY B 28 -7.91 -15.51 20.34
N GLY B 29 -8.53 -16.38 21.12
CA GLY B 29 -8.74 -17.76 20.69
C GLY B 29 -8.20 -18.74 21.71
N PRO B 30 -6.88 -18.94 21.74
CA PRO B 30 -6.26 -19.80 22.75
C PRO B 30 -6.26 -19.17 24.14
N HIS B 31 -6.54 -17.87 24.23
CA HIS B 31 -6.50 -17.16 25.50
C HIS B 31 -7.49 -17.71 26.53
N THR B 32 -8.59 -18.26 26.05
CA THR B 32 -9.62 -18.79 26.96
C THR B 32 -9.08 -20.01 27.71
N ALA B 33 -8.45 -20.92 26.99
CA ALA B 33 -7.84 -22.09 27.61
C ALA B 33 -6.69 -21.63 28.50
N LEU B 34 -5.92 -20.67 28.00
CA LEU B 34 -4.75 -20.19 28.73
C LEU B 34 -5.12 -19.46 30.02
N LYS B 35 -6.27 -18.81 30.03
CA LYS B 35 -6.76 -18.11 31.22
C LYS B 35 -7.13 -19.12 32.29
N ASP B 36 -7.94 -20.11 31.92
CA ASP B 36 -8.28 -21.19 32.82
C ASP B 36 -6.99 -21.76 33.43
N ILE B 37 -5.98 -21.93 32.58
CA ILE B 37 -4.74 -22.57 33.00
C ILE B 37 -3.86 -21.71 33.90
N ALA B 38 -3.60 -20.47 33.49
CA ALA B 38 -2.76 -19.57 34.28
C ALA B 38 -3.40 -19.31 35.64
N ASN B 39 -4.72 -19.38 35.69
CA ASN B 39 -5.46 -19.14 36.93
C ASN B 39 -5.35 -20.30 37.91
N LYS B 40 -5.38 -21.53 37.38
CA LYS B 40 -5.20 -22.71 38.19
C LYS B 40 -3.75 -22.81 38.65
N TYR B 41 -2.83 -22.57 37.73
CA TYR B 41 -1.40 -22.57 38.01
C TYR B 41 -1.04 -21.49 39.04
N SER B 42 -1.65 -20.31 38.89
CA SER B 42 -1.46 -19.23 39.87
C SER B 42 -1.90 -19.69 41.25
N GLU B 43 -3.08 -20.28 41.32
CA GLU B 43 -3.58 -20.84 42.57
C GLU B 43 -2.52 -21.75 43.20
N LYS B 44 -2.25 -22.86 42.53
CA LYS B 44 -1.41 -23.93 43.08
C LYS B 44 0.08 -23.59 43.28
N THR B 45 0.61 -22.65 42.50
CA THR B 45 2.05 -22.36 42.54
C THR B 45 2.36 -21.01 43.16
N GLY B 46 1.33 -20.17 43.29
CA GLY B 46 1.53 -18.83 43.83
C GLY B 46 2.17 -17.88 42.83
N VAL B 47 2.57 -18.39 41.67
CA VAL B 47 3.19 -17.58 40.63
C VAL B 47 2.11 -16.90 39.79
N LYS B 48 2.26 -15.59 39.58
CA LYS B 48 1.27 -14.84 38.83
C LYS B 48 1.51 -14.90 37.32
N VAL B 49 0.50 -15.34 36.59
CA VAL B 49 0.60 -15.49 35.15
C VAL B 49 -0.43 -14.61 34.43
N ASN B 50 0.07 -13.64 33.66
CA ASN B 50 -0.80 -12.75 32.90
C ASN B 50 -0.97 -13.22 31.46
N VAL B 51 -2.21 -13.32 31.01
CA VAL B 51 -2.48 -13.71 29.63
C VAL B 51 -3.07 -12.54 28.84
N ASN B 52 -2.21 -11.85 28.10
CA ASN B 52 -2.63 -10.74 27.26
C ASN B 52 -2.98 -11.27 25.88
N PHE B 53 -4.10 -10.80 25.32
CA PHE B 53 -4.61 -11.35 24.06
C PHE B 53 -5.28 -10.29 23.18
N GLY B 54 -5.39 -10.61 21.90
CA GLY B 54 -6.04 -9.72 20.94
C GLY B 54 -5.19 -9.51 19.70
N PRO B 55 -5.67 -8.65 18.79
CA PRO B 55 -4.92 -8.30 17.59
C PRO B 55 -3.52 -7.83 17.97
N GLN B 56 -2.52 -8.26 17.21
CA GLN B 56 -1.13 -7.92 17.51
C GLN B 56 -0.93 -6.45 17.87
N ALA B 57 -1.50 -5.55 17.08
CA ALA B 57 -1.32 -4.12 17.27
C ALA B 57 -1.80 -3.63 18.65
N THR B 58 -2.74 -4.36 19.23
CA THR B 58 -3.32 -3.95 20.52
C THR B 58 -2.38 -4.20 21.70
N TRP B 59 -1.46 -5.16 21.55
CA TRP B 59 -0.54 -5.50 22.64
C TRP B 59 0.94 -5.39 22.29
N PHE B 60 1.24 -5.10 21.03
CA PHE B 60 2.62 -5.18 20.54
C PHE B 60 3.63 -4.39 21.36
N GLU B 61 3.26 -3.17 21.73
CA GLU B 61 4.18 -2.25 22.42
C GLU B 61 4.48 -2.65 23.86
N LYS B 62 3.45 -2.98 24.63
CA LYS B 62 3.68 -3.50 25.98
C LYS B 62 4.50 -4.78 25.88
N ALA B 63 4.15 -5.64 24.93
CA ALA B 63 4.80 -6.93 24.77
C ALA B 63 6.28 -6.81 24.45
N LYS B 64 6.65 -5.77 23.70
CA LYS B 64 8.06 -5.50 23.42
C LYS B 64 8.84 -5.11 24.68
N LYS B 65 8.12 -4.60 25.68
CA LYS B 65 8.74 -4.20 26.94
C LYS B 65 8.89 -5.36 27.92
N ASP B 66 8.01 -6.34 27.87
CA ASP B 66 7.97 -7.35 28.92
C ASP B 66 7.43 -8.73 28.56
N ALA B 67 7.35 -9.05 27.27
CA ALA B 67 6.84 -10.35 26.86
C ALA B 67 7.78 -11.46 27.33
N ASP B 68 7.21 -12.47 27.99
CA ASP B 68 7.98 -13.64 28.43
C ASP B 68 7.70 -14.82 27.50
N ILE B 69 6.47 -14.89 27.01
CA ILE B 69 6.06 -15.94 26.08
C ILE B 69 5.13 -15.36 25.03
N LEU B 70 5.36 -15.71 23.77
CA LEU B 70 4.39 -15.41 22.73
C LEU B 70 3.70 -16.73 22.39
N PHE B 71 2.38 -16.74 22.42
CA PHE B 71 1.63 -17.93 22.00
C PHE B 71 0.94 -17.64 20.68
N GLY B 72 0.64 -18.69 19.91
CA GLY B 72 0.12 -18.52 18.56
C GLY B 72 -1.06 -19.40 18.21
N ALA B 73 -1.84 -18.96 17.22
CA ALA B 73 -3.04 -19.67 16.83
C ALA B 73 -2.86 -20.51 15.55
N SER B 74 -1.65 -20.46 15.00
CA SER B 74 -1.25 -21.32 13.90
C SER B 74 0.26 -21.15 13.78
N ASP B 75 0.91 -21.91 12.91
CA ASP B 75 2.35 -21.79 12.76
C ASP B 75 2.76 -20.56 11.94
N GLN B 76 2.13 -20.36 10.79
CA GLN B 76 2.50 -19.25 9.90
C GLN B 76 2.30 -17.88 10.54
N SER B 77 1.34 -17.76 11.45
CA SER B 77 1.08 -16.50 12.12
C SER B 77 2.03 -16.28 13.29
N ALA B 78 2.33 -17.34 14.03
CA ALA B 78 3.27 -17.25 15.14
C ALA B 78 4.66 -16.90 14.64
N LEU B 79 5.01 -17.47 13.50
CA LEU B 79 6.30 -17.20 12.86
C LEU B 79 6.37 -15.74 12.45
N ALA B 80 5.30 -15.25 11.84
CA ALA B 80 5.20 -13.84 11.48
C ALA B 80 5.31 -12.95 12.72
N ILE B 81 4.55 -13.29 13.76
CA ILE B 81 4.51 -12.45 14.95
C ILE B 81 5.85 -12.46 15.69
N ALA B 82 6.41 -13.65 15.91
CA ALA B 82 7.69 -13.77 16.60
C ALA B 82 8.81 -13.02 15.86
N SER B 83 8.70 -12.94 14.53
CA SER B 83 9.71 -12.26 13.74
C SER B 83 9.65 -10.75 13.97
N ASP B 84 8.49 -10.25 14.38
CA ASP B 84 8.33 -8.83 14.59
C ASP B 84 9.07 -8.34 15.82
N PHE B 85 9.61 -9.27 16.59
CA PHE B 85 10.25 -8.94 17.87
C PHE B 85 11.78 -8.89 17.82
N GLY B 86 12.35 -8.90 16.61
CA GLY B 86 13.81 -8.86 16.46
C GLY B 86 14.50 -10.04 17.12
N LYS B 87 15.58 -9.77 17.84
CA LYS B 87 16.31 -10.84 18.52
C LYS B 87 15.87 -11.07 19.97
N ASP B 88 14.79 -10.39 20.37
CA ASP B 88 14.18 -10.61 21.68
C ASP B 88 13.71 -12.06 21.78
N PHE B 89 13.32 -12.63 20.64
CA PHE B 89 12.88 -14.01 20.58
C PHE B 89 13.67 -14.72 19.47
N ASN B 90 13.52 -16.04 19.41
CA ASN B 90 14.20 -16.84 18.40
C ASN B 90 13.21 -17.76 17.69
N VAL B 91 12.70 -17.31 16.55
CA VAL B 91 11.61 -18.00 15.86
C VAL B 91 11.77 -19.51 15.74
N SER B 92 13.01 -19.99 15.77
CA SER B 92 13.26 -21.42 15.58
C SER B 92 12.81 -22.23 16.79
N LYS B 93 12.50 -21.54 17.88
CA LYS B 93 12.12 -22.19 19.12
C LYS B 93 10.60 -22.28 19.31
N ILE B 94 9.85 -22.02 18.25
CA ILE B 94 8.39 -22.12 18.32
C ILE B 94 7.96 -23.56 18.58
N LYS B 95 7.17 -23.76 19.64
CA LYS B 95 6.78 -25.09 20.08
C LYS B 95 5.30 -25.38 19.85
N PRO B 96 4.98 -26.22 18.86
CA PRO B 96 3.60 -26.65 18.64
C PRO B 96 3.18 -27.64 19.72
N LEU B 97 2.06 -27.37 20.38
CA LEU B 97 1.62 -28.20 21.50
C LEU B 97 0.27 -28.89 21.26
N TYR B 98 -0.64 -28.22 20.55
CA TYR B 98 -1.95 -28.81 20.26
C TYR B 98 -2.41 -28.43 18.87
N PHE B 99 -3.49 -29.05 18.41
CA PHE B 99 -4.12 -28.67 17.15
C PHE B 99 -5.63 -28.75 17.30
N ARG B 100 -6.35 -28.06 16.42
CA ARG B 100 -7.80 -28.15 16.36
C ARG B 100 -8.28 -27.95 14.92
N GLU B 101 -9.45 -28.48 14.61
CA GLU B 101 -9.97 -28.42 13.24
C GLU B 101 -10.64 -27.08 12.92
N ALA B 102 -10.69 -26.76 11.64
CA ALA B 102 -11.44 -25.62 11.16
C ALA B 102 -12.91 -26.02 11.16
N ILE B 103 -13.79 -25.03 11.32
CA ILE B 103 -15.23 -25.26 11.25
C ILE B 103 -15.92 -24.16 10.46
N ILE B 104 -17.19 -24.37 10.15
CA ILE B 104 -18.06 -23.32 9.65
C ILE B 104 -18.98 -22.86 10.77
N LEU B 105 -18.99 -21.57 11.04
CA LEU B 105 -19.93 -20.99 11.98
C LEU B 105 -21.05 -20.34 11.19
N THR B 106 -22.28 -20.83 11.36
CA THR B 106 -23.44 -20.24 10.71
C THR B 106 -24.28 -19.48 11.72
N GLN B 107 -25.20 -18.65 11.25
CA GLN B 107 -26.09 -17.93 12.17
C GLN B 107 -26.96 -18.94 12.94
N LYS B 108 -27.40 -18.53 14.13
CA LYS B 108 -28.17 -19.44 14.98
C LYS B 108 -29.26 -20.14 14.19
N GLY B 109 -29.31 -21.47 14.33
CA GLY B 109 -30.35 -22.26 13.68
C GLY B 109 -30.02 -22.66 12.26
N ASN B 110 -28.87 -22.23 11.75
CA ASN B 110 -28.44 -22.59 10.40
C ASN B 110 -29.59 -22.43 9.39
N PRO B 111 -30.12 -21.21 9.25
CA PRO B 111 -31.30 -21.04 8.40
C PRO B 111 -31.11 -21.49 6.95
N LEU B 112 -29.88 -21.41 6.43
CA LEU B 112 -29.64 -21.79 5.04
C LEU B 112 -29.30 -23.27 4.89
N LYS B 113 -29.35 -24.00 6.00
CA LYS B 113 -29.13 -25.45 6.02
C LYS B 113 -27.81 -25.85 5.38
N ILE B 114 -26.75 -25.16 5.80
CA ILE B 114 -25.38 -25.41 5.32
C ILE B 114 -24.85 -26.75 5.86
N LYS B 115 -24.39 -27.60 4.95
CA LYS B 115 -23.96 -28.95 5.33
C LYS B 115 -22.45 -29.12 5.41
N GLY B 116 -21.71 -28.20 4.81
CA GLY B 116 -20.25 -28.26 4.80
C GLY B 116 -19.66 -27.28 3.79
N LEU B 117 -18.42 -27.51 3.39
CA LEU B 117 -17.73 -26.62 2.46
C LEU B 117 -18.30 -26.67 1.03
N LYS B 118 -18.52 -27.88 0.52
CA LYS B 118 -19.05 -28.01 -0.83
C LYS B 118 -20.40 -27.34 -0.93
N ASP B 119 -21.14 -27.37 0.18
CA ASP B 119 -22.46 -26.77 0.23
C ASP B 119 -22.36 -25.24 0.15
N LEU B 120 -21.35 -24.69 0.81
CA LEU B 120 -21.11 -23.25 0.73
C LEU B 120 -20.87 -22.80 -0.71
N ALA B 121 -20.07 -23.57 -1.44
CA ALA B 121 -19.75 -23.25 -2.83
C ALA B 121 -20.98 -23.28 -3.73
N ASN B 122 -21.87 -24.23 -3.48
CA ASN B 122 -23.05 -24.44 -4.32
C ASN B 122 -24.24 -23.53 -4.04
N LYS B 123 -24.33 -23.01 -2.82
CA LYS B 123 -25.46 -22.16 -2.44
C LYS B 123 -25.13 -20.68 -2.56
N LYS B 124 -26.17 -19.85 -2.45
CA LYS B 124 -26.01 -18.41 -2.39
C LYS B 124 -25.85 -18.02 -0.94
N VAL B 125 -24.61 -17.73 -0.54
CA VAL B 125 -24.27 -17.51 0.86
C VAL B 125 -23.12 -16.53 0.99
N ARG B 126 -23.07 -15.83 2.12
CA ARG B 126 -22.01 -14.86 2.38
C ARG B 126 -21.00 -15.42 3.39
N ILE B 127 -19.74 -15.48 2.98
CA ILE B 127 -18.69 -16.10 3.79
C ILE B 127 -17.66 -15.06 4.20
N VAL B 128 -17.28 -15.06 5.48
CA VAL B 128 -16.10 -14.33 5.94
C VAL B 128 -14.98 -15.28 6.29
N VAL B 129 -13.78 -14.95 5.83
CA VAL B 129 -12.58 -15.66 6.21
C VAL B 129 -11.50 -14.65 6.59
N PRO B 130 -10.72 -14.96 7.63
CA PRO B 130 -9.60 -14.10 7.94
C PRO B 130 -8.45 -14.42 7.00
N GLU B 131 -7.96 -13.41 6.29
CA GLU B 131 -6.81 -13.55 5.43
C GLU B 131 -5.94 -12.32 5.65
N GLY B 132 -4.66 -12.54 5.94
CA GLY B 132 -3.77 -11.45 6.33
C GLY B 132 -3.43 -10.48 5.21
N ALA B 133 -3.55 -10.94 3.97
CA ALA B 133 -3.24 -10.12 2.79
C ALA B 133 -1.87 -9.47 2.91
N GLY B 134 -1.00 -10.11 3.67
CA GLY B 134 0.41 -9.68 3.78
C GLY B 134 0.66 -8.51 4.70
N LYS B 135 -0.41 -8.02 5.36
CA LYS B 135 -0.26 -6.87 6.25
C LYS B 135 -0.80 -7.14 7.65
N SER B 136 -1.35 -8.33 7.86
CA SER B 136 -1.86 -8.71 9.16
C SER B 136 -1.49 -10.16 9.39
N ASN B 137 -1.10 -10.49 10.63
CA ASN B 137 -0.71 -11.85 10.96
C ASN B 137 -1.86 -12.60 11.62
N THR B 138 -2.50 -13.48 10.87
CA THR B 138 -3.69 -14.15 11.34
C THR B 138 -3.68 -15.65 11.03
N SER B 139 -4.21 -16.43 11.97
CA SER B 139 -4.28 -17.88 11.84
C SER B 139 -5.09 -18.32 10.63
N GLY B 140 -5.91 -17.43 10.08
CA GLY B 140 -6.78 -17.79 8.97
C GLY B 140 -6.09 -17.94 7.63
N THR B 141 -5.01 -17.19 7.42
CA THR B 141 -4.33 -17.12 6.13
C THR B 141 -4.01 -18.50 5.50
N GLY B 142 -4.58 -18.76 4.33
CA GLY B 142 -4.32 -20.00 3.60
C GLY B 142 -5.28 -21.15 3.87
N VAL B 143 -6.17 -20.98 4.84
CA VAL B 143 -7.08 -22.04 5.26
C VAL B 143 -8.13 -22.40 4.20
N TRP B 144 -8.90 -21.41 3.77
CA TRP B 144 -10.04 -21.69 2.91
C TRP B 144 -9.62 -22.29 1.57
N GLU B 145 -8.54 -21.80 0.98
CA GLU B 145 -8.13 -22.32 -0.32
C GLU B 145 -7.59 -23.72 -0.16
N ASP B 146 -6.94 -23.98 0.96
CA ASP B 146 -6.39 -25.31 1.20
C ASP B 146 -7.48 -26.36 1.41
N MET B 147 -8.56 -25.96 2.07
CA MET B 147 -9.69 -26.87 2.27
C MET B 147 -10.50 -27.12 0.99
N ILE B 148 -11.02 -26.05 0.39
CA ILE B 148 -11.84 -26.21 -0.81
C ILE B 148 -11.01 -26.68 -2.01
N GLY B 149 -9.72 -26.40 -2.00
CA GLY B 149 -8.85 -26.86 -3.07
C GLY B 149 -8.75 -28.38 -3.11
N ARG B 150 -8.94 -29.01 -1.96
CA ARG B 150 -8.85 -30.47 -1.86
C ARG B 150 -10.04 -31.17 -2.52
N THR B 151 -10.96 -30.38 -3.07
CA THR B 151 -12.03 -30.96 -3.88
C THR B 151 -11.50 -31.22 -5.28
N GLN B 152 -10.37 -30.59 -5.59
CA GLN B 152 -9.71 -30.71 -6.88
C GLN B 152 -10.64 -30.37 -8.04
N ASP B 153 -11.48 -29.36 -7.85
CA ASP B 153 -12.42 -28.91 -8.87
C ASP B 153 -12.43 -27.39 -8.94
N ILE B 154 -11.84 -26.84 -10.00
CA ILE B 154 -11.69 -25.39 -10.11
C ILE B 154 -13.04 -24.67 -10.04
N LYS B 155 -14.08 -25.36 -10.49
CA LYS B 155 -15.40 -24.75 -10.51
C LYS B 155 -15.91 -24.54 -9.09
N THR B 156 -15.66 -25.52 -8.22
CA THR B 156 -16.07 -25.44 -6.83
C THR B 156 -15.24 -24.40 -6.08
N ILE B 157 -13.94 -24.38 -6.37
CA ILE B 157 -13.05 -23.36 -5.83
C ILE B 157 -13.54 -21.97 -6.24
N GLN B 158 -13.91 -21.82 -7.52
CA GLN B 158 -14.39 -20.55 -8.04
C GLN B 158 -15.69 -20.13 -7.36
N ASN B 159 -16.62 -21.07 -7.27
CA ASN B 159 -17.93 -20.81 -6.67
C ASN B 159 -17.84 -20.46 -5.19
N PHE B 160 -16.94 -21.15 -4.48
CA PHE B 160 -16.70 -20.83 -3.08
C PHE B 160 -16.16 -19.40 -2.92
N ARG B 161 -15.10 -19.09 -3.66
CA ARG B 161 -14.49 -17.75 -3.60
C ARG B 161 -15.47 -16.62 -3.89
N ASN B 162 -16.36 -16.84 -4.86
CA ASN B 162 -17.35 -15.83 -5.22
C ASN B 162 -18.35 -15.54 -4.10
N ASN B 163 -18.57 -16.52 -3.23
CA ASN B 163 -19.44 -16.35 -2.07
C ASN B 163 -18.79 -15.62 -0.89
N ILE B 164 -17.49 -15.39 -0.99
CA ILE B 164 -16.78 -14.66 0.07
C ILE B 164 -17.12 -13.18 0.01
N VAL B 165 -17.83 -12.70 1.02
CA VAL B 165 -18.24 -11.30 1.06
C VAL B 165 -17.14 -10.39 1.59
N ALA B 166 -16.31 -10.92 2.48
CA ALA B 166 -15.22 -10.14 3.07
C ALA B 166 -14.05 -11.00 3.51
N PHE B 167 -12.86 -10.58 3.13
CA PHE B 167 -11.62 -11.09 3.70
C PHE B 167 -11.24 -10.12 4.81
N VAL B 168 -11.14 -10.62 6.03
CA VAL B 168 -10.86 -9.76 7.18
C VAL B 168 -9.46 -10.03 7.73
N PRO B 169 -8.83 -8.99 8.32
CA PRO B 169 -7.45 -9.06 8.81
C PRO B 169 -7.20 -10.01 9.99
N ASN B 170 -8.26 -10.42 10.68
CA ASN B 170 -8.10 -11.29 11.85
C ASN B 170 -9.43 -11.84 12.36
N SER B 171 -9.36 -12.87 13.21
CA SER B 171 -10.55 -13.54 13.73
C SER B 171 -11.50 -12.60 14.47
N GLY B 172 -10.93 -11.64 15.19
CA GLY B 172 -11.74 -10.65 15.90
C GLY B 172 -12.62 -9.86 14.94
N SER B 173 -12.05 -9.48 13.80
CA SER B 173 -12.78 -8.72 12.80
C SER B 173 -13.89 -9.54 12.14
N ALA B 174 -13.64 -10.84 11.97
CA ALA B 174 -14.65 -11.74 11.40
C ALA B 174 -15.82 -11.93 12.37
N ARG B 175 -15.49 -12.14 13.65
CA ARG B 175 -16.48 -12.31 14.69
C ARG B 175 -17.44 -11.12 14.74
N LYS B 176 -16.86 -9.93 14.62
CA LYS B 176 -17.61 -8.67 14.65
C LYS B 176 -18.58 -8.56 13.47
N LEU B 177 -18.04 -8.71 12.26
CA LEU B 177 -18.84 -8.72 11.04
C LEU B 177 -19.95 -9.77 11.15
N PHE B 178 -19.60 -10.92 11.73
CA PHE B 178 -20.55 -12.01 11.93
C PHE B 178 -21.68 -11.64 12.89
N ALA B 179 -21.30 -11.07 14.04
CA ALA B 179 -22.25 -10.69 15.08
C ALA B 179 -23.18 -9.57 14.61
N GLN B 180 -22.78 -8.91 13.53
CA GLN B 180 -23.62 -7.89 12.92
C GLN B 180 -24.50 -8.50 11.84
N ASP B 181 -24.44 -9.82 11.72
CA ASP B 181 -25.25 -10.57 10.75
C ASP B 181 -25.03 -10.05 9.33
N GLN B 182 -23.77 -9.75 9.01
CA GLN B 182 -23.42 -9.32 7.66
C GLN B 182 -22.79 -10.48 6.88
N ALA B 183 -22.57 -11.61 7.55
CA ALA B 183 -22.14 -12.83 6.90
C ALA B 183 -22.95 -14.03 7.39
N ASP B 184 -23.27 -14.95 6.49
CA ASP B 184 -24.06 -16.12 6.84
C ASP B 184 -23.16 -17.23 7.40
N ALA B 185 -21.88 -17.17 7.03
CA ALA B 185 -20.95 -18.23 7.41
C ALA B 185 -19.56 -17.67 7.62
N TRP B 186 -18.92 -18.14 8.69
CA TRP B 186 -17.60 -17.68 9.06
C TRP B 186 -16.69 -18.89 9.19
N ILE B 187 -15.65 -18.93 8.37
CA ILE B 187 -14.66 -20.01 8.43
C ILE B 187 -13.70 -19.74 9.58
N THR B 188 -13.81 -20.56 10.63
CA THR B 188 -13.04 -20.33 11.85
C THR B 188 -12.57 -21.65 12.48
N TRP B 189 -12.23 -21.62 13.77
CA TRP B 189 -11.74 -22.79 14.47
C TRP B 189 -12.72 -23.29 15.54
N ILE B 190 -12.67 -24.59 15.83
CA ILE B 190 -13.57 -25.18 16.81
C ILE B 190 -13.50 -24.50 18.18
N ASP B 191 -12.29 -24.16 18.62
CA ASP B 191 -12.12 -23.52 19.92
C ASP B 191 -12.92 -22.21 20.03
N TRP B 192 -13.01 -21.46 18.94
CA TRP B 192 -13.79 -20.24 18.93
C TRP B 192 -15.25 -20.53 19.24
N SER B 193 -15.77 -21.61 18.68
CA SER B 193 -17.14 -22.03 18.97
C SER B 193 -17.26 -22.58 20.38
N LYS B 194 -16.30 -23.40 20.80
CA LYS B 194 -16.30 -23.93 22.15
C LYS B 194 -16.26 -22.77 23.16
N SER B 195 -15.38 -21.81 22.91
CA SER B 195 -15.21 -20.67 23.82
C SER B 195 -16.43 -19.75 23.84
N ASN B 196 -17.20 -19.76 22.77
CA ASN B 196 -18.33 -18.84 22.62
C ASN B 196 -19.58 -19.54 22.11
N PRO B 197 -20.11 -20.50 22.90
CA PRO B 197 -21.24 -21.33 22.48
C PRO B 197 -22.46 -20.51 22.08
N ASP B 198 -22.50 -19.26 22.51
CA ASP B 198 -23.63 -18.37 22.25
C ASP B 198 -23.63 -17.77 20.84
N ILE B 199 -22.47 -17.69 20.22
CA ILE B 199 -22.36 -16.95 18.96
C ILE B 199 -23.23 -17.53 17.84
N GLY B 200 -22.83 -18.66 17.27
CA GLY B 200 -23.55 -19.19 16.13
C GLY B 200 -23.76 -20.68 16.27
N THR B 201 -24.00 -21.34 15.14
CA THR B 201 -24.16 -22.79 15.12
C THR B 201 -23.01 -23.42 14.35
N ALA B 202 -22.29 -24.32 15.01
CA ALA B 202 -21.13 -24.96 14.40
C ALA B 202 -21.51 -26.06 13.43
N VAL B 203 -20.90 -26.03 12.25
CA VAL B 203 -21.08 -27.08 11.25
C VAL B 203 -19.73 -27.70 10.90
N ALA B 204 -19.62 -29.00 11.12
CA ALA B 204 -18.38 -29.73 10.86
C ALA B 204 -18.03 -29.74 9.38
N ILE B 205 -16.73 -29.65 9.09
CA ILE B 205 -16.23 -29.65 7.72
C ILE B 205 -15.89 -31.07 7.29
N GLU B 206 -16.20 -31.41 6.04
CA GLU B 206 -15.86 -32.71 5.48
C GLU B 206 -14.47 -33.14 5.92
N LYS B 207 -14.36 -34.35 6.45
CA LYS B 207 -13.10 -34.86 6.95
C LYS B 207 -12.01 -34.85 5.89
N ASP B 208 -12.40 -34.97 4.63
CA ASP B 208 -11.43 -35.07 3.55
C ASP B 208 -10.95 -33.72 3.04
N LEU B 209 -11.50 -32.65 3.59
CA LEU B 209 -11.20 -31.29 3.16
C LEU B 209 -10.61 -30.45 4.27
N VAL B 210 -11.07 -30.69 5.50
CA VAL B 210 -10.71 -29.85 6.65
C VAL B 210 -9.20 -29.80 6.91
N VAL B 211 -8.74 -28.68 7.44
CA VAL B 211 -7.36 -28.56 7.91
C VAL B 211 -7.34 -28.40 9.42
N TYR B 212 -6.23 -28.81 10.03
CA TYR B 212 -6.02 -28.68 11.46
C TYR B 212 -4.77 -27.82 11.67
N ARG B 213 -4.93 -26.71 12.38
CA ARG B 213 -3.78 -25.90 12.72
C ARG B 213 -3.48 -25.90 14.22
N THR B 214 -2.32 -25.37 14.59
CA THR B 214 -1.76 -25.62 15.90
C THR B 214 -1.79 -24.46 16.88
N PHE B 215 -1.72 -24.80 18.16
CA PHE B 215 -1.39 -23.87 19.21
C PHE B 215 0.10 -24.04 19.47
N ASN B 216 0.80 -22.94 19.69
CA ASN B 216 2.22 -23.00 19.98
C ASN B 216 2.65 -21.95 20.99
N VAL B 217 3.85 -22.11 21.52
CA VAL B 217 4.46 -21.12 22.41
C VAL B 217 5.94 -20.96 22.10
N ILE B 218 6.47 -19.80 22.45
CA ILE B 218 7.91 -19.55 22.42
C ILE B 218 8.30 -18.64 23.58
N ALA B 219 9.29 -19.08 24.35
CA ALA B 219 9.80 -18.27 25.47
C ALA B 219 10.84 -17.29 24.98
N LYS B 220 10.90 -16.13 25.60
CA LYS B 220 11.84 -15.08 25.22
C LYS B 220 13.28 -15.58 25.36
N GLU B 221 14.20 -14.89 24.69
CA GLU B 221 15.61 -15.17 24.90
C GLU B 221 15.96 -14.84 26.35
N GLY B 222 16.51 -15.81 27.06
CA GLY B 222 16.84 -15.62 28.47
C GLY B 222 15.63 -15.67 29.38
N ALA B 223 14.74 -16.63 29.13
CA ALA B 223 13.52 -16.78 29.90
C ALA B 223 13.80 -17.31 31.29
N SER B 224 13.10 -16.77 32.28
CA SER B 224 13.30 -17.16 33.68
C SER B 224 12.83 -18.59 33.95
N LYS B 225 13.26 -19.13 35.09
CA LYS B 225 12.86 -20.46 35.51
C LYS B 225 11.34 -20.52 35.66
N GLU B 226 10.77 -19.46 36.20
CA GLU B 226 9.33 -19.37 36.39
C GLU B 226 8.61 -19.50 35.06
N THR B 227 9.07 -18.75 34.07
CA THR B 227 8.55 -18.85 32.71
C THR B 227 8.63 -20.29 32.23
N GLN B 228 9.86 -20.79 32.08
CA GLN B 228 10.10 -22.17 31.67
C GLN B 228 9.16 -23.17 32.36
N ASP B 229 9.02 -23.04 33.68
CA ASP B 229 8.13 -23.90 34.44
C ASP B 229 6.67 -23.82 33.98
N PHE B 230 6.22 -22.62 33.64
CA PHE B 230 4.85 -22.46 33.16
C PHE B 230 4.67 -23.09 31.80
N ILE B 231 5.68 -22.96 30.95
CA ILE B 231 5.65 -23.63 29.65
C ILE B 231 5.56 -25.13 29.85
N ALA B 232 6.40 -25.67 30.73
CA ALA B 232 6.37 -27.08 31.08
C ALA B 232 4.99 -27.52 31.58
N TYR B 233 4.30 -26.60 32.25
CA TYR B 233 2.97 -26.87 32.80
C TYR B 233 1.91 -27.00 31.71
N LEU B 234 2.10 -26.27 30.61
CA LEU B 234 1.16 -26.32 29.50
C LEU B 234 1.02 -27.74 28.94
N SER B 235 1.97 -28.60 29.27
CA SER B 235 1.93 -29.99 28.83
C SER B 235 1.51 -30.94 29.95
N SER B 236 1.24 -30.37 31.13
CA SER B 236 0.82 -31.16 32.28
C SER B 236 -0.51 -31.87 32.03
N LYS B 237 -0.79 -32.88 32.83
CA LYS B 237 -2.02 -33.66 32.71
C LYS B 237 -3.24 -32.76 32.81
N GLU B 238 -3.17 -31.74 33.66
CA GLU B 238 -4.31 -30.86 33.90
C GLU B 238 -4.47 -29.80 32.81
N ALA B 239 -3.37 -29.39 32.20
CA ALA B 239 -3.43 -28.44 31.10
C ALA B 239 -4.04 -29.10 29.87
N LYS B 240 -3.69 -30.36 29.65
CA LYS B 240 -4.17 -31.11 28.51
C LYS B 240 -5.70 -31.21 28.51
N GLU B 241 -6.28 -31.48 29.68
CA GLU B 241 -7.74 -31.60 29.77
C GLU B 241 -8.48 -30.28 29.58
N ILE B 242 -7.86 -29.18 30.02
CA ILE B 242 -8.43 -27.85 29.82
C ILE B 242 -8.39 -27.44 28.35
N PHE B 243 -7.23 -27.63 27.72
CA PHE B 243 -7.13 -27.43 26.28
C PHE B 243 -8.16 -28.31 25.58
N LYS B 244 -8.24 -29.57 26.01
CA LYS B 244 -9.19 -30.51 25.41
C LYS B 244 -10.63 -30.04 25.53
N LYS B 245 -10.95 -29.37 26.63
CA LYS B 245 -12.28 -28.81 26.85
C LYS B 245 -12.64 -27.85 25.71
N TYR B 246 -11.65 -27.13 25.20
CA TYR B 246 -11.87 -26.13 24.16
C TYR B 246 -11.64 -26.67 22.75
N GLY B 247 -11.42 -27.97 22.63
CA GLY B 247 -11.29 -28.62 21.33
C GLY B 247 -9.87 -28.89 20.87
N TRP B 248 -8.89 -28.45 21.65
CA TRP B 248 -7.47 -28.65 21.30
C TRP B 248 -7.02 -30.08 21.57
N ARG B 249 -6.48 -30.73 20.55
CA ARG B 249 -6.10 -32.14 20.63
C ARG B 249 -4.60 -32.38 20.46
N GLU B 250 -4.16 -33.60 20.81
CA GLU B 250 -2.80 -34.05 20.56
C GLU B 250 -2.82 -35.20 19.56
N HIS B 251 -3.92 -35.93 19.54
CA HIS B 251 -4.11 -37.04 18.63
C HIS B 251 -5.59 -37.22 18.31
N ASP C 21 26.54 11.24 -27.63
CA ASP C 21 25.19 11.86 -27.41
C ASP C 21 24.82 11.89 -25.93
N VAL C 22 24.15 12.95 -25.51
CA VAL C 22 23.55 13.02 -24.19
C VAL C 22 22.06 13.24 -24.42
N ASN C 23 21.23 12.31 -23.95
CA ASN C 23 19.80 12.37 -24.18
C ASN C 23 19.01 12.77 -22.94
N LEU C 24 18.38 13.94 -22.99
CA LEU C 24 17.56 14.41 -21.89
C LEU C 24 16.08 14.32 -22.23
N TYR C 25 15.28 14.04 -21.20
CA TYR C 25 13.83 13.99 -21.31
C TYR C 25 13.21 14.76 -20.15
N GLY C 26 12.12 15.48 -20.43
CA GLY C 26 11.43 16.22 -19.40
C GLY C 26 10.32 17.07 -19.99
N PRO C 27 9.62 17.84 -19.14
CA PRO C 27 8.48 18.65 -19.53
C PRO C 27 8.85 19.89 -20.36
N GLY C 28 7.88 20.38 -21.13
CA GLY C 28 8.00 21.68 -21.75
C GLY C 28 8.10 22.73 -20.66
N GLY C 29 8.84 23.81 -20.93
CA GLY C 29 9.11 24.83 -19.93
C GLY C 29 10.60 25.06 -19.78
N PRO C 30 11.27 24.17 -19.03
CA PRO C 30 12.71 24.24 -18.85
C PRO C 30 13.44 23.95 -20.17
N HIS C 31 12.71 23.43 -21.15
CA HIS C 31 13.32 22.98 -22.40
C HIS C 31 13.96 24.11 -23.21
N THR C 32 13.35 25.30 -23.16
CA THR C 32 13.91 26.44 -23.89
C THR C 32 15.29 26.85 -23.37
N ALA C 33 15.43 26.94 -22.05
CA ALA C 33 16.72 27.19 -21.45
C ALA C 33 17.70 26.08 -21.81
N LEU C 34 17.23 24.84 -21.73
CA LEU C 34 18.08 23.67 -21.98
C LEU C 34 18.56 23.54 -23.42
N LYS C 35 17.72 23.92 -24.37
CA LYS C 35 18.10 23.88 -25.79
C LYS C 35 19.21 24.89 -26.08
N ASP C 36 19.08 26.09 -25.52
CA ASP C 36 20.12 27.10 -25.67
C ASP C 36 21.45 26.62 -25.07
N ILE C 37 21.40 26.07 -23.87
CA ILE C 37 22.59 25.55 -23.17
C ILE C 37 23.24 24.39 -23.92
N ALA C 38 22.39 23.50 -24.42
CA ALA C 38 22.84 22.35 -25.24
C ALA C 38 23.63 22.80 -26.47
N ASN C 39 23.04 23.71 -27.25
CA ASN C 39 23.72 24.30 -28.39
C ASN C 39 25.08 24.88 -28.00
N LYS C 40 25.11 25.72 -26.99
CA LYS C 40 26.35 26.34 -26.53
C LYS C 40 27.34 25.28 -26.06
N TYR C 41 26.82 24.23 -25.43
CA TYR C 41 27.65 23.15 -24.93
C TYR C 41 28.27 22.33 -26.06
N SER C 42 27.45 22.00 -27.06
CA SER C 42 27.94 21.29 -28.23
C SER C 42 29.02 22.09 -28.96
N GLU C 43 28.78 23.38 -29.15
CA GLU C 43 29.78 24.25 -29.75
C GLU C 43 31.12 24.06 -29.05
N LYS C 44 31.11 24.12 -27.72
CA LYS C 44 32.33 24.01 -26.93
C LYS C 44 32.99 22.63 -26.99
N THR C 45 32.21 21.59 -26.69
CA THR C 45 32.78 20.27 -26.42
C THR C 45 32.73 19.31 -27.61
N GLY C 46 31.82 19.54 -28.53
CA GLY C 46 31.61 18.60 -29.62
C GLY C 46 30.67 17.46 -29.26
N VAL C 47 30.17 17.49 -28.03
CA VAL C 47 29.22 16.47 -27.58
C VAL C 47 27.82 16.87 -28.05
N LYS C 48 27.11 15.93 -28.65
CA LYS C 48 25.76 16.18 -29.11
C LYS C 48 24.77 16.00 -27.97
N VAL C 49 23.96 17.02 -27.72
CA VAL C 49 22.99 17.00 -26.64
C VAL C 49 21.57 17.10 -27.18
N ASN C 50 20.76 16.08 -26.90
CA ASN C 50 19.38 16.04 -27.37
C ASN C 50 18.39 16.39 -26.26
N VAL C 51 17.55 17.38 -26.52
CA VAL C 51 16.58 17.85 -25.54
C VAL C 51 15.15 17.46 -25.94
N ASN C 52 14.68 16.33 -25.41
CA ASN C 52 13.32 15.88 -25.64
C ASN C 52 12.39 16.47 -24.58
N PHE C 53 11.23 16.93 -25.00
CA PHE C 53 10.33 17.64 -24.10
C PHE C 53 8.87 17.45 -24.49
N GLY C 54 7.97 17.67 -23.54
CA GLY C 54 6.53 17.54 -23.76
C GLY C 54 5.87 16.80 -22.61
N PRO C 55 4.56 16.53 -22.74
CA PRO C 55 3.91 15.68 -21.75
C PRO C 55 4.62 14.32 -21.62
N GLN C 56 4.72 13.82 -20.41
CA GLN C 56 5.43 12.56 -20.16
C GLN C 56 5.03 11.46 -21.14
N ALA C 57 3.73 11.31 -21.36
CA ALA C 57 3.22 10.23 -22.20
C ALA C 57 3.83 10.24 -23.59
N THR C 58 4.15 11.43 -24.09
CA THR C 58 4.61 11.53 -25.47
C THR C 58 6.03 10.98 -25.65
N TRP C 59 6.86 11.06 -24.61
CA TRP C 59 8.25 10.63 -24.73
C TRP C 59 8.64 9.48 -23.79
N PHE C 60 7.72 9.07 -22.93
CA PHE C 60 8.04 8.08 -21.90
C PHE C 60 8.62 6.79 -22.46
N GLU C 61 8.00 6.25 -23.50
CA GLU C 61 8.45 5.00 -24.09
C GLU C 61 9.85 5.09 -24.68
N LYS C 62 10.14 6.18 -25.38
CA LYS C 62 11.47 6.36 -25.94
C LYS C 62 12.53 6.57 -24.85
N ALA C 63 12.17 7.33 -23.82
CA ALA C 63 13.09 7.61 -22.71
C ALA C 63 13.53 6.32 -22.03
N LYS C 64 12.63 5.35 -21.94
CA LYS C 64 12.98 4.08 -21.31
C LYS C 64 14.14 3.40 -22.03
N LYS C 65 14.28 3.61 -23.34
CA LYS C 65 15.37 3.00 -24.07
C LYS C 65 16.70 3.74 -23.92
N ASP C 66 16.69 5.06 -24.05
CA ASP C 66 17.95 5.80 -24.18
C ASP C 66 18.13 7.04 -23.30
N ALA C 67 17.21 7.28 -22.36
CA ALA C 67 17.32 8.46 -21.50
C ALA C 67 18.62 8.45 -20.69
N ASP C 68 19.36 9.55 -20.76
CA ASP C 68 20.54 9.75 -19.92
C ASP C 68 20.20 10.61 -18.72
N ILE C 69 19.34 11.60 -18.92
CA ILE C 69 18.97 12.54 -17.87
C ILE C 69 17.48 12.85 -17.91
N LEU C 70 16.84 12.85 -16.74
CA LEU C 70 15.50 13.38 -16.61
C LEU C 70 15.60 14.77 -16.01
N PHE C 71 15.04 15.76 -16.68
CA PHE C 71 14.94 17.09 -16.08
C PHE C 71 13.49 17.38 -15.70
N GLY C 72 13.29 18.20 -14.69
CA GLY C 72 11.96 18.44 -14.17
C GLY C 72 11.61 19.90 -14.00
N ALA C 73 10.32 20.18 -13.88
CA ALA C 73 9.83 21.54 -13.77
C ALA C 73 9.32 21.83 -12.34
N SER C 74 9.43 20.84 -11.48
CA SER C 74 9.24 20.99 -10.03
C SER C 74 9.78 19.74 -9.36
N ASP C 75 9.77 19.72 -8.04
CA ASP C 75 10.27 18.56 -7.31
C ASP C 75 9.25 17.42 -7.25
N GLN C 76 8.02 17.73 -6.85
CA GLN C 76 6.98 16.71 -6.76
C GLN C 76 6.71 15.99 -8.09
N SER C 77 6.73 16.72 -9.20
CA SER C 77 6.49 16.13 -10.50
C SER C 77 7.71 15.35 -10.99
N ALA C 78 8.90 15.84 -10.70
CA ALA C 78 10.12 15.16 -11.09
C ALA C 78 10.27 13.86 -10.30
N LEU C 79 9.95 13.90 -9.02
CA LEU C 79 10.00 12.72 -8.16
C LEU C 79 9.05 11.67 -8.72
N ALA C 80 7.84 12.12 -9.06
CA ALA C 80 6.83 11.24 -9.64
C ALA C 80 7.31 10.61 -10.94
N ILE C 81 7.86 11.43 -11.83
CA ILE C 81 8.30 10.95 -13.12
C ILE C 81 9.50 9.99 -13.02
N ALA C 82 10.48 10.34 -12.19
CA ALA C 82 11.62 9.46 -11.98
C ALA C 82 11.19 8.12 -11.37
N SER C 83 10.14 8.16 -10.55
CA SER C 83 9.60 6.96 -9.93
C SER C 83 9.00 6.01 -10.94
N ASP C 84 8.60 6.55 -12.10
CA ASP C 84 7.94 5.76 -13.14
C ASP C 84 8.93 4.87 -13.88
N PHE C 85 10.22 5.17 -13.73
CA PHE C 85 11.25 4.46 -14.48
C PHE C 85 11.82 3.23 -13.76
N GLY C 86 11.39 3.02 -12.52
CA GLY C 86 11.81 1.85 -11.76
C GLY C 86 13.29 1.85 -11.41
N LYS C 87 13.92 0.70 -11.55
CA LYS C 87 15.32 0.51 -11.15
C LYS C 87 16.30 1.36 -11.94
N ASP C 88 15.82 1.98 -13.02
CA ASP C 88 16.65 2.83 -13.86
C ASP C 88 17.24 4.01 -13.09
N PHE C 89 16.36 4.78 -12.43
CA PHE C 89 16.75 6.02 -11.79
C PHE C 89 16.59 5.92 -10.27
N ASN C 90 17.32 6.76 -9.54
CA ASN C 90 17.24 6.79 -8.09
C ASN C 90 16.76 8.14 -7.59
N VAL C 91 15.48 8.22 -7.24
CA VAL C 91 14.80 9.48 -6.91
C VAL C 91 15.50 10.31 -5.82
N SER C 92 16.43 9.68 -5.10
CA SER C 92 17.20 10.38 -4.08
C SER C 92 18.24 11.30 -4.71
N LYS C 93 18.57 11.06 -5.97
CA LYS C 93 19.62 11.81 -6.67
C LYS C 93 19.09 12.99 -7.48
N ILE C 94 17.82 13.34 -7.29
CA ILE C 94 17.25 14.50 -7.98
C ILE C 94 17.93 15.79 -7.50
N LYS C 95 18.53 16.53 -8.43
CA LYS C 95 19.31 17.71 -8.09
C LYS C 95 18.63 19.03 -8.48
N PRO C 96 18.17 19.79 -7.48
CA PRO C 96 17.63 21.12 -7.72
C PRO C 96 18.75 22.11 -8.05
N LEU C 97 18.57 22.89 -9.11
CA LEU C 97 19.61 23.82 -9.54
C LEU C 97 19.15 25.27 -9.63
N TYR C 98 17.90 25.47 -10.04
CA TYR C 98 17.35 26.82 -10.18
C TYR C 98 15.88 26.80 -9.76
N PHE C 99 15.36 27.96 -9.37
CA PHE C 99 13.93 28.10 -9.13
C PHE C 99 13.41 29.31 -9.89
N ARG C 100 12.09 29.42 -9.99
CA ARG C 100 11.47 30.62 -10.53
C ARG C 100 10.08 30.78 -9.93
N GLU C 101 9.52 31.99 -10.07
CA GLU C 101 8.25 32.31 -9.42
C GLU C 101 7.05 31.95 -10.27
N ALA C 102 5.93 31.68 -9.61
CA ALA C 102 4.64 31.56 -10.28
C ALA C 102 4.23 32.95 -10.77
N ILE C 103 3.47 32.98 -11.86
CA ILE C 103 2.92 34.23 -12.37
C ILE C 103 1.46 34.00 -12.76
N ILE C 104 0.75 35.10 -12.99
CA ILE C 104 -0.55 35.02 -13.62
C ILE C 104 -0.36 35.41 -15.08
N LEU C 105 -0.74 34.54 -16.01
CA LEU C 105 -0.73 34.93 -17.41
C LEU C 105 -2.13 35.34 -17.85
N THR C 106 -2.22 36.57 -18.34
CA THR C 106 -3.49 37.12 -18.82
C THR C 106 -3.41 37.30 -20.34
N GLN C 107 -4.57 37.40 -20.98
CA GLN C 107 -4.60 37.65 -22.41
C GLN C 107 -3.87 38.95 -22.72
N LYS C 108 -3.22 38.99 -23.88
CA LYS C 108 -2.39 40.13 -24.26
C LYS C 108 -3.10 41.45 -23.97
N GLY C 109 -2.41 42.34 -23.27
CA GLY C 109 -2.98 43.63 -22.91
C GLY C 109 -3.67 43.65 -21.55
N ASN C 110 -3.84 42.47 -20.96
CA ASN C 110 -4.52 42.37 -19.66
C ASN C 110 -5.81 43.19 -19.65
N PRO C 111 -6.74 42.86 -20.57
CA PRO C 111 -7.93 43.70 -20.72
C PRO C 111 -8.76 43.83 -19.44
N LEU C 112 -8.70 42.83 -18.55
CA LEU C 112 -9.49 42.86 -17.32
C LEU C 112 -8.78 43.58 -16.18
N LYS C 113 -7.57 44.05 -16.42
CA LYS C 113 -6.86 44.86 -15.43
C LYS C 113 -6.55 44.07 -14.15
N ILE C 114 -6.21 42.80 -14.33
CA ILE C 114 -5.87 41.92 -13.20
C ILE C 114 -4.56 42.35 -12.54
N LYS C 115 -4.56 42.41 -11.21
CA LYS C 115 -3.41 42.95 -10.48
C LYS C 115 -2.77 41.94 -9.54
N GLY C 116 -3.30 40.72 -9.52
CA GLY C 116 -2.75 39.67 -8.67
C GLY C 116 -3.78 38.62 -8.32
N LEU C 117 -3.41 37.72 -7.42
CA LEU C 117 -4.25 36.58 -7.04
C LEU C 117 -5.53 36.97 -6.31
N LYS C 118 -5.43 37.88 -5.34
CA LYS C 118 -6.62 38.34 -4.65
C LYS C 118 -7.59 38.90 -5.69
N ASP C 119 -7.04 39.61 -6.67
CA ASP C 119 -7.84 40.18 -7.73
C ASP C 119 -8.62 39.08 -8.45
N LEU C 120 -7.95 37.96 -8.69
CA LEU C 120 -8.57 36.81 -9.36
C LEU C 120 -9.68 36.17 -8.52
N ALA C 121 -9.62 36.35 -7.20
CA ALA C 121 -10.66 35.84 -6.32
C ALA C 121 -11.89 36.75 -6.32
N ASN C 122 -11.67 38.04 -6.55
CA ASN C 122 -12.74 39.02 -6.42
C ASN C 122 -13.43 39.45 -7.71
N LYS C 123 -12.82 39.16 -8.85
CA LYS C 123 -13.40 39.51 -10.15
C LYS C 123 -14.10 38.31 -10.79
N LYS C 124 -14.98 38.59 -11.75
CA LYS C 124 -15.57 37.53 -12.55
C LYS C 124 -14.57 37.17 -13.64
N VAL C 125 -13.75 36.17 -13.37
CA VAL C 125 -12.68 35.76 -14.29
C VAL C 125 -12.72 34.24 -14.47
N ARG C 126 -12.17 33.77 -15.59
CA ARG C 126 -11.99 32.35 -15.81
C ARG C 126 -10.51 31.99 -15.67
N ILE C 127 -10.20 31.04 -14.80
CA ILE C 127 -8.83 30.69 -14.50
C ILE C 127 -8.55 29.24 -14.88
N VAL C 128 -7.40 28.99 -15.50
CA VAL C 128 -6.91 27.63 -15.70
C VAL C 128 -5.68 27.36 -14.85
N VAL C 129 -5.62 26.16 -14.30
CA VAL C 129 -4.48 25.72 -13.51
C VAL C 129 -4.20 24.27 -13.90
N PRO C 130 -2.92 23.88 -13.94
CA PRO C 130 -2.56 22.49 -14.13
C PRO C 130 -2.57 21.74 -12.80
N GLU C 131 -3.42 20.74 -12.70
CA GLU C 131 -3.48 19.88 -11.52
C GLU C 131 -3.47 18.42 -11.97
N GLY C 132 -2.55 17.64 -11.43
CA GLY C 132 -2.35 16.27 -11.87
C GLY C 132 -3.49 15.33 -11.57
N ALA C 133 -4.28 15.64 -10.55
CA ALA C 133 -5.37 14.78 -10.08
C ALA C 133 -4.91 13.33 -9.92
N GLY C 134 -3.64 13.16 -9.60
CA GLY C 134 -3.06 11.83 -9.38
C GLY C 134 -2.98 10.94 -10.61
N LYS C 135 -3.23 11.52 -11.78
CA LYS C 135 -3.22 10.77 -13.04
C LYS C 135 -2.27 11.38 -14.06
N SER C 136 -1.65 12.48 -13.68
CA SER C 136 -0.71 13.18 -14.53
C SER C 136 0.32 13.87 -13.64
N ASN C 137 1.58 13.87 -14.07
CA ASN C 137 2.65 14.48 -13.29
C ASN C 137 3.01 15.87 -13.82
N THR C 138 2.46 16.90 -13.18
CA THR C 138 2.64 18.26 -13.64
C THR C 138 3.18 19.20 -12.55
N SER C 139 4.03 20.12 -12.96
CA SER C 139 4.64 21.08 -12.06
C SER C 139 3.61 21.93 -11.33
N GLY C 140 2.38 21.91 -11.83
CA GLY C 140 1.33 22.79 -11.32
C GLY C 140 0.70 22.34 -10.01
N THR C 141 0.77 21.04 -9.75
CA THR C 141 0.06 20.43 -8.63
C THR C 141 0.39 21.04 -7.27
N GLY C 142 -0.64 21.56 -6.60
CA GLY C 142 -0.50 22.12 -5.26
C GLY C 142 -0.20 23.61 -5.23
N VAL C 143 0.00 24.18 -6.42
CA VAL C 143 0.43 25.58 -6.53
C VAL C 143 -0.65 26.61 -6.18
N TRP C 144 -1.80 26.54 -6.83
CA TRP C 144 -2.82 27.57 -6.59
C TRP C 144 -3.28 27.60 -5.13
N GLU C 145 -3.47 26.43 -4.52
CA GLU C 145 -3.98 26.38 -3.15
C GLU C 145 -2.93 26.87 -2.15
N ASP C 146 -1.66 26.65 -2.45
CA ASP C 146 -0.60 27.06 -1.53
C ASP C 146 -0.39 28.56 -1.57
N MET C 147 -0.68 29.16 -2.72
CA MET C 147 -0.54 30.60 -2.87
C MET C 147 -1.73 31.36 -2.28
N ILE C 148 -2.94 31.02 -2.71
CA ILE C 148 -4.14 31.72 -2.23
C ILE C 148 -4.46 31.35 -0.78
N GLY C 149 -3.93 30.23 -0.30
CA GLY C 149 -4.15 29.81 1.07
C GLY C 149 -3.38 30.66 2.06
N ARG C 150 -2.31 31.31 1.58
CA ARG C 150 -1.53 32.19 2.44
C ARG C 150 -2.25 33.50 2.73
N THR C 151 -3.46 33.68 2.18
CA THR C 151 -4.31 34.80 2.56
C THR C 151 -4.98 34.51 3.89
N GLN C 152 -5.00 33.23 4.27
CA GLN C 152 -5.60 32.78 5.51
C GLN C 152 -7.04 33.26 5.62
N ASP C 153 -7.76 33.17 4.51
CA ASP C 153 -9.15 33.58 4.43
C ASP C 153 -9.92 32.59 3.57
N ILE C 154 -10.84 31.86 4.20
CA ILE C 154 -11.54 30.77 3.50
C ILE C 154 -12.47 31.28 2.38
N LYS C 155 -13.06 32.45 2.56
CA LYS C 155 -13.94 33.03 1.55
C LYS C 155 -13.18 33.34 0.27
N THR C 156 -11.98 33.89 0.42
CA THR C 156 -11.08 34.20 -0.70
C THR C 156 -10.65 32.93 -1.42
N ILE C 157 -10.27 31.93 -0.64
CA ILE C 157 -9.92 30.63 -1.20
C ILE C 157 -11.09 30.04 -1.97
N GLN C 158 -12.29 30.10 -1.38
CA GLN C 158 -13.50 29.62 -2.02
C GLN C 158 -13.77 30.39 -3.30
N ASN C 159 -13.63 31.71 -3.23
CA ASN C 159 -13.90 32.60 -4.36
C ASN C 159 -12.94 32.38 -5.52
N PHE C 160 -11.66 32.20 -5.19
CA PHE C 160 -10.65 31.89 -6.19
C PHE C 160 -10.95 30.56 -6.88
N ARG C 161 -11.27 29.54 -6.09
CA ARG C 161 -11.57 28.22 -6.63
C ARG C 161 -12.80 28.21 -7.52
N ASN C 162 -13.81 28.99 -7.13
CA ASN C 162 -15.05 29.12 -7.89
C ASN C 162 -14.83 29.71 -9.29
N ASN C 163 -13.73 30.45 -9.44
CA ASN C 163 -13.37 31.06 -10.72
C ASN C 163 -12.54 30.17 -11.64
N ILE C 164 -12.07 29.03 -11.13
CA ILE C 164 -11.30 28.12 -11.95
C ILE C 164 -12.20 27.32 -12.88
N VAL C 165 -12.06 27.55 -14.17
CA VAL C 165 -12.93 26.93 -15.16
C VAL C 165 -12.39 25.56 -15.60
N ALA C 166 -11.13 25.30 -15.32
CA ALA C 166 -10.54 24.03 -15.71
C ALA C 166 -9.28 23.71 -14.90
N PHE C 167 -9.21 22.47 -14.43
CA PHE C 167 -7.97 21.91 -13.91
C PHE C 167 -7.45 20.97 -14.99
N VAL C 168 -6.36 21.34 -15.63
CA VAL C 168 -5.82 20.57 -16.74
C VAL C 168 -4.66 19.68 -16.27
N PRO C 169 -4.40 18.58 -16.99
CA PRO C 169 -3.36 17.61 -16.60
C PRO C 169 -1.93 18.12 -16.67
N ASN C 170 -1.69 19.21 -17.39
CA ASN C 170 -0.34 19.73 -17.56
C ASN C 170 -0.29 21.13 -18.17
N SER C 171 0.89 21.73 -18.15
CA SER C 171 1.06 23.11 -18.63
C SER C 171 0.76 23.24 -20.12
N GLY C 172 1.02 22.18 -20.88
CA GLY C 172 0.75 22.18 -22.31
C GLY C 172 -0.73 22.27 -22.60
N SER C 173 -1.53 21.58 -21.79
CA SER C 173 -2.98 21.63 -21.93
C SER C 173 -3.50 23.01 -21.55
N ALA C 174 -2.91 23.60 -20.51
CA ALA C 174 -3.31 24.92 -20.07
C ALA C 174 -2.98 25.97 -21.15
N ARG C 175 -1.80 25.84 -21.74
CA ARG C 175 -1.37 26.75 -22.81
C ARG C 175 -2.40 26.76 -23.94
N LYS C 176 -2.83 25.58 -24.38
CA LYS C 176 -3.74 25.49 -25.50
C LYS C 176 -5.11 26.06 -25.20
N LEU C 177 -5.65 25.70 -24.03
CA LEU C 177 -6.93 26.23 -23.59
C LEU C 177 -6.86 27.75 -23.59
N PHE C 178 -5.77 28.26 -23.02
CA PHE C 178 -5.54 29.70 -22.91
C PHE C 178 -5.46 30.37 -24.28
N ALA C 179 -4.74 29.73 -25.20
CA ALA C 179 -4.58 30.26 -26.54
C ALA C 179 -5.91 30.32 -27.28
N GLN C 180 -6.83 29.43 -26.89
CA GLN C 180 -8.19 29.43 -27.44
C GLN C 180 -9.08 30.45 -26.73
N ASP C 181 -8.47 31.31 -25.93
CA ASP C 181 -9.24 32.35 -25.25
C ASP C 181 -10.42 31.74 -24.47
N GLN C 182 -10.22 30.55 -23.91
CA GLN C 182 -11.25 29.92 -23.10
C GLN C 182 -11.02 30.19 -21.61
N ALA C 183 -9.91 30.87 -21.30
CA ALA C 183 -9.62 31.29 -19.94
C ALA C 183 -8.98 32.67 -19.95
N ASP C 184 -9.28 33.46 -18.93
CA ASP C 184 -8.77 34.83 -18.83
C ASP C 184 -7.39 34.85 -18.18
N ALA C 185 -7.17 33.93 -17.27
CA ALA C 185 -5.93 33.88 -16.51
C ALA C 185 -5.41 32.45 -16.40
N TRP C 186 -4.11 32.28 -16.58
CA TRP C 186 -3.51 30.97 -16.46
C TRP C 186 -2.42 31.06 -15.40
N ILE C 187 -2.56 30.24 -14.35
CA ILE C 187 -1.57 30.20 -13.28
C ILE C 187 -0.41 29.36 -13.77
N THR C 188 0.74 30.01 -13.96
CA THR C 188 1.88 29.35 -14.57
C THR C 188 3.22 29.86 -14.01
N TRP C 189 4.28 29.68 -14.79
CA TRP C 189 5.63 30.06 -14.36
C TRP C 189 6.18 31.18 -15.22
N ILE C 190 6.97 32.06 -14.62
CA ILE C 190 7.54 33.17 -15.34
C ILE C 190 8.22 32.72 -16.65
N ASP C 191 8.83 31.53 -16.64
CA ASP C 191 9.57 31.06 -17.80
C ASP C 191 8.68 30.80 -19.01
N TRP C 192 7.41 30.47 -18.76
CA TRP C 192 6.45 30.28 -19.85
C TRP C 192 6.15 31.60 -20.55
N SER C 193 6.23 32.70 -19.81
CA SER C 193 6.06 34.01 -20.40
C SER C 193 7.34 34.43 -21.12
N LYS C 194 8.48 34.19 -20.49
CA LYS C 194 9.77 34.52 -21.09
C LYS C 194 9.98 33.78 -22.40
N SER C 195 9.51 32.54 -22.47
CA SER C 195 9.67 31.73 -23.66
C SER C 195 8.62 32.06 -24.71
N ASN C 196 7.57 32.78 -24.29
CA ASN C 196 6.43 33.07 -25.14
C ASN C 196 5.90 34.48 -24.89
N PRO C 197 6.72 35.50 -25.18
CA PRO C 197 6.38 36.88 -24.81
C PRO C 197 5.10 37.42 -25.44
N ASP C 198 4.74 36.94 -26.63
CA ASP C 198 3.59 37.46 -27.34
C ASP C 198 2.31 36.75 -26.97
N ILE C 199 2.44 35.62 -26.25
CA ILE C 199 1.30 34.76 -25.98
C ILE C 199 0.32 35.40 -24.99
N GLY C 200 0.80 36.33 -24.18
CA GLY C 200 -0.03 37.00 -23.20
C GLY C 200 0.78 38.00 -22.40
N THR C 201 0.14 38.60 -21.40
CA THR C 201 0.79 39.58 -20.54
C THR C 201 0.95 39.01 -19.14
N ALA C 202 2.17 38.97 -18.64
CA ALA C 202 2.42 38.43 -17.31
C ALA C 202 2.10 39.45 -16.23
N VAL C 203 1.44 38.97 -15.17
CA VAL C 203 1.16 39.77 -14.00
C VAL C 203 1.81 39.13 -12.78
N ALA C 204 2.65 39.89 -12.08
CA ALA C 204 3.33 39.39 -10.89
C ALA C 204 2.34 39.06 -9.79
N ILE C 205 2.63 37.99 -9.04
CA ILE C 205 1.83 37.60 -7.89
C ILE C 205 2.35 38.27 -6.61
N GLU C 206 1.42 38.68 -5.75
CA GLU C 206 1.75 39.22 -4.44
C GLU C 206 2.93 38.48 -3.82
N LYS C 207 3.92 39.23 -3.36
CA LYS C 207 5.14 38.65 -2.78
C LYS C 207 4.88 37.75 -1.58
N ASP C 208 3.81 38.06 -0.84
CA ASP C 208 3.48 37.30 0.36
C ASP C 208 2.65 36.05 0.07
N LEU C 209 2.26 35.87 -1.19
CA LEU C 209 1.44 34.72 -1.57
C LEU C 209 2.14 33.76 -2.52
N VAL C 210 3.10 34.30 -3.29
CA VAL C 210 3.73 33.55 -4.38
C VAL C 210 4.63 32.40 -3.93
N VAL C 211 4.61 31.32 -4.70
CA VAL C 211 5.55 30.21 -4.46
C VAL C 211 6.58 30.16 -5.57
N TYR C 212 7.72 29.55 -5.27
CA TYR C 212 8.80 29.37 -6.23
C TYR C 212 9.09 27.88 -6.32
N ARG C 213 9.08 27.35 -7.53
CA ARG C 213 9.43 25.94 -7.71
C ARG C 213 10.70 25.79 -8.53
N THR C 214 11.24 24.59 -8.57
CA THR C 214 12.61 24.39 -9.02
C THR C 214 12.73 23.70 -10.37
N PHE C 215 13.87 23.92 -11.01
CA PHE C 215 14.35 23.07 -12.09
C PHE C 215 15.32 22.07 -11.48
N ASN C 216 15.25 20.82 -11.91
CA ASN C 216 16.17 19.80 -11.43
C ASN C 216 16.52 18.82 -12.53
N VAL C 217 17.59 18.06 -12.31
CA VAL C 217 17.99 16.99 -13.22
C VAL C 217 18.33 15.75 -12.39
N ILE C 218 18.20 14.59 -13.01
CA ILE C 218 18.74 13.35 -12.44
C ILE C 218 19.32 12.48 -13.54
N ALA C 219 20.57 12.06 -13.36
CA ALA C 219 21.22 11.16 -14.31
C ALA C 219 20.86 9.71 -14.00
N LYS C 220 20.69 8.90 -15.04
CA LYS C 220 20.39 7.49 -14.84
C LYS C 220 21.55 6.77 -14.17
N GLU C 221 21.24 5.62 -13.58
CA GLU C 221 22.25 4.79 -12.96
C GLU C 221 23.26 4.35 -14.00
N GLY C 222 24.54 4.43 -13.65
CA GLY C 222 25.60 4.08 -14.57
C GLY C 222 25.64 5.02 -15.76
N ALA C 223 25.32 6.29 -15.53
CA ALA C 223 25.35 7.30 -16.56
C ALA C 223 26.79 7.53 -17.03
N SER C 224 26.95 7.88 -18.30
CA SER C 224 28.26 8.06 -18.89
C SER C 224 28.95 9.34 -18.41
N LYS C 225 30.26 9.42 -18.65
CA LYS C 225 31.06 10.55 -18.21
C LYS C 225 30.57 11.83 -18.87
N GLU C 226 30.13 11.70 -20.12
CA GLU C 226 29.62 12.84 -20.88
C GLU C 226 28.33 13.38 -20.27
N THR C 227 27.46 12.48 -19.81
CA THR C 227 26.25 12.85 -19.12
C THR C 227 26.56 13.66 -17.86
N GLN C 228 27.47 13.15 -17.04
CA GLN C 228 27.91 13.84 -15.83
C GLN C 228 28.53 15.20 -16.17
N ASP C 229 29.42 15.21 -17.15
CA ASP C 229 30.04 16.46 -17.59
C ASP C 229 28.99 17.50 -17.93
N PHE C 230 27.93 17.07 -18.61
CA PHE C 230 26.88 18.01 -19.01
C PHE C 230 26.08 18.53 -17.83
N ILE C 231 25.83 17.67 -16.85
CA ILE C 231 25.12 18.09 -15.65
C ILE C 231 25.91 19.16 -14.91
N ALA C 232 27.22 18.99 -14.84
CA ALA C 232 28.09 19.96 -14.19
C ALA C 232 28.05 21.29 -14.93
N TYR C 233 27.91 21.21 -16.25
CA TYR C 233 27.81 22.40 -17.09
C TYR C 233 26.55 23.23 -16.80
N LEU C 234 25.49 22.55 -16.35
CA LEU C 234 24.27 23.24 -16.00
C LEU C 234 24.48 24.25 -14.86
N SER C 235 25.61 24.15 -14.17
CA SER C 235 25.92 25.05 -13.06
C SER C 235 26.98 26.10 -13.40
N SER C 236 27.50 26.05 -14.64
CA SER C 236 28.54 26.97 -15.08
C SER C 236 28.02 28.40 -15.25
N LYS C 237 28.93 29.35 -15.35
CA LYS C 237 28.54 30.75 -15.50
C LYS C 237 27.70 30.96 -16.74
N GLU C 238 28.11 30.32 -17.83
CA GLU C 238 27.37 30.42 -19.10
C GLU C 238 25.95 29.87 -18.99
N ALA C 239 25.79 28.75 -18.29
CA ALA C 239 24.48 28.17 -18.08
C ALA C 239 23.60 29.09 -17.23
N LYS C 240 24.16 29.64 -16.16
CA LYS C 240 23.42 30.56 -15.29
C LYS C 240 22.84 31.74 -16.06
N GLU C 241 23.63 32.31 -16.96
CA GLU C 241 23.20 33.45 -17.76
C GLU C 241 22.01 33.11 -18.65
N ILE C 242 22.05 31.91 -19.23
CA ILE C 242 20.96 31.44 -20.08
C ILE C 242 19.72 31.13 -19.25
N PHE C 243 19.89 30.38 -18.16
CA PHE C 243 18.77 30.14 -17.27
C PHE C 243 18.16 31.46 -16.82
N LYS C 244 19.02 32.42 -16.46
CA LYS C 244 18.55 33.73 -15.97
C LYS C 244 17.65 34.45 -16.98
N LYS C 245 17.95 34.35 -18.27
CA LYS C 245 17.16 35.07 -19.26
C LYS C 245 15.74 34.52 -19.42
N TYR C 246 15.53 33.26 -19.03
CA TYR C 246 14.19 32.68 -19.00
C TYR C 246 13.50 32.78 -17.63
N GLY C 247 14.14 33.45 -16.68
CA GLY C 247 13.53 33.71 -15.37
C GLY C 247 14.00 32.81 -14.24
N TRP C 248 14.86 31.85 -14.55
CA TRP C 248 15.34 30.90 -13.55
C TRP C 248 16.46 31.51 -12.70
N ARG C 249 16.31 31.40 -11.37
CA ARG C 249 17.19 32.08 -10.41
C ARG C 249 17.91 31.13 -9.46
N GLU C 250 18.90 31.66 -8.75
CA GLU C 250 19.62 30.91 -7.71
C GLU C 250 19.47 31.53 -6.32
N HIS C 251 19.20 32.83 -6.27
CA HIS C 251 19.09 33.52 -4.99
C HIS C 251 18.34 34.83 -5.15
N ASP D 21 -28.57 5.87 6.73
CA ASP D 21 -27.15 6.16 7.11
C ASP D 21 -26.49 7.13 6.16
N VAL D 22 -25.56 7.91 6.68
CA VAL D 22 -24.74 8.79 5.86
C VAL D 22 -23.29 8.36 6.03
N ASN D 23 -22.64 8.02 4.92
CA ASN D 23 -21.27 7.50 4.98
C ASN D 23 -20.24 8.46 4.37
N LEU D 24 -19.26 8.82 5.19
CA LEU D 24 -18.17 9.69 4.75
C LEU D 24 -16.89 8.87 4.59
N TYR D 25 -16.12 9.19 3.55
CA TYR D 25 -14.81 8.58 3.35
C TYR D 25 -13.75 9.64 3.10
N GLY D 26 -12.55 9.41 3.62
CA GLY D 26 -11.46 10.33 3.41
C GLY D 26 -10.23 9.98 4.24
N PRO D 27 -9.23 10.86 4.22
CA PRO D 27 -7.96 10.61 4.88
C PRO D 27 -8.05 10.77 6.40
N GLY D 28 -7.16 10.08 7.11
CA GLY D 28 -6.97 10.35 8.52
C GLY D 28 -6.48 11.77 8.65
N GLY D 29 -6.69 12.38 9.80
CA GLY D 29 -6.38 13.79 9.99
C GLY D 29 -7.64 14.58 10.32
N PRO D 30 -8.43 14.90 9.29
CA PRO D 30 -9.68 15.60 9.55
C PRO D 30 -10.69 14.72 10.26
N HIS D 31 -10.42 13.42 10.30
CA HIS D 31 -11.39 12.45 10.82
C HIS D 31 -11.66 12.61 12.31
N THR D 32 -10.71 13.17 13.05
CA THR D 32 -10.89 13.38 14.48
C THR D 32 -11.97 14.43 14.73
N ALA D 33 -11.84 15.56 14.05
CA ALA D 33 -12.87 16.59 14.10
C ALA D 33 -14.21 16.02 13.65
N LEU D 34 -14.19 15.31 12.52
CA LEU D 34 -15.43 14.76 11.97
C LEU D 34 -16.09 13.74 12.90
N LYS D 35 -15.29 12.96 13.63
CA LYS D 35 -15.83 11.95 14.55
C LYS D 35 -16.60 12.61 15.69
N ASP D 36 -16.03 13.70 16.22
CA ASP D 36 -16.69 14.50 17.24
C ASP D 36 -17.96 15.15 16.70
N ILE D 37 -17.89 15.69 15.49
CA ILE D 37 -19.05 16.30 14.86
C ILE D 37 -20.16 15.30 14.55
N ALA D 38 -19.82 14.16 13.97
CA ALA D 38 -20.84 13.18 13.61
C ALA D 38 -21.54 12.62 14.84
N ASN D 39 -20.78 12.39 15.92
CA ASN D 39 -21.38 11.84 17.13
C ASN D 39 -22.38 12.80 17.74
N LYS D 40 -22.05 14.08 17.72
CA LYS D 40 -22.96 15.10 18.23
C LYS D 40 -24.18 15.19 17.33
N TYR D 41 -23.96 15.30 16.03
CA TYR D 41 -25.05 15.37 15.06
C TYR D 41 -25.96 14.16 15.17
N SER D 42 -25.37 12.98 15.35
CA SER D 42 -26.14 11.74 15.39
C SER D 42 -27.03 11.68 16.61
N GLU D 43 -26.55 12.22 17.73
CA GLU D 43 -27.36 12.32 18.94
C GLU D 43 -28.42 13.44 18.81
N LYS D 44 -28.01 14.58 18.28
CA LYS D 44 -28.96 15.67 18.05
C LYS D 44 -30.12 15.26 17.12
N THR D 45 -29.80 14.56 16.03
CA THR D 45 -30.79 14.30 14.98
C THR D 45 -31.25 12.85 14.87
N GLY D 46 -30.51 11.93 15.47
CA GLY D 46 -30.84 10.51 15.35
C GLY D 46 -30.45 9.94 14.00
N VAL D 47 -29.78 10.74 13.18
CA VAL D 47 -29.27 10.28 11.90
C VAL D 47 -27.86 9.75 12.10
N LYS D 48 -27.64 8.49 11.73
CA LYS D 48 -26.33 7.86 11.92
C LYS D 48 -25.35 8.32 10.84
N VAL D 49 -24.21 8.83 11.28
CA VAL D 49 -23.18 9.31 10.36
C VAL D 49 -21.88 8.55 10.60
N ASN D 50 -21.43 7.84 9.57
CA ASN D 50 -20.22 7.04 9.67
C ASN D 50 -19.02 7.76 9.07
N VAL D 51 -17.95 7.88 9.87
CA VAL D 51 -16.72 8.50 9.40
C VAL D 51 -15.67 7.42 9.13
N ASN D 52 -15.52 7.09 7.85
CA ASN D 52 -14.49 6.14 7.44
C ASN D 52 -13.25 6.90 7.02
N PHE D 53 -12.10 6.50 7.54
CA PHE D 53 -10.86 7.22 7.31
C PHE D 53 -9.67 6.29 7.12
N GLY D 54 -8.57 6.84 6.62
CA GLY D 54 -7.34 6.08 6.41
C GLY D 54 -6.77 6.36 5.05
N PRO D 55 -5.72 5.62 4.66
CA PRO D 55 -5.18 5.73 3.31
C PRO D 55 -6.25 5.32 2.31
N GLN D 56 -6.33 6.03 1.19
CA GLN D 56 -7.35 5.75 0.19
C GLN D 56 -7.51 4.25 -0.11
N ALA D 57 -6.39 3.55 -0.23
CA ALA D 57 -6.39 2.13 -0.60
C ALA D 57 -7.19 1.25 0.37
N THR D 58 -7.18 1.63 1.64
CA THR D 58 -7.82 0.81 2.68
C THR D 58 -9.34 0.82 2.56
N TRP D 59 -9.90 1.95 2.12
CA TRP D 59 -11.37 2.10 2.06
C TRP D 59 -11.95 2.28 0.66
N PHE D 60 -11.09 2.37 -0.35
CA PHE D 60 -11.53 2.67 -1.72
C PHE D 60 -12.69 1.81 -2.22
N GLU D 61 -12.56 0.49 -2.09
CA GLU D 61 -13.58 -0.41 -2.61
C GLU D 61 -14.94 -0.24 -1.94
N LYS D 62 -14.95 -0.23 -0.61
CA LYS D 62 -16.21 0.00 0.10
C LYS D 62 -16.81 1.35 -0.25
N ALA D 63 -15.95 2.37 -0.38
CA ALA D 63 -16.43 3.71 -0.72
C ALA D 63 -17.06 3.76 -2.12
N LYS D 64 -16.49 3.02 -3.06
CA LYS D 64 -17.08 2.93 -4.39
C LYS D 64 -18.52 2.42 -4.33
N LYS D 65 -18.86 1.75 -3.23
CA LYS D 65 -20.19 1.16 -3.07
C LYS D 65 -21.18 2.07 -2.36
N ASP D 66 -20.76 2.75 -1.29
CA ASP D 66 -21.71 3.48 -0.45
C ASP D 66 -21.29 4.87 0.02
N ALA D 67 -20.25 5.44 -0.57
CA ALA D 67 -19.85 6.79 -0.20
C ALA D 67 -20.96 7.79 -0.49
N ASP D 68 -21.30 8.61 0.50
CA ASP D 68 -22.23 9.71 0.32
C ASP D 68 -21.45 11.01 0.21
N ILE D 69 -20.32 11.07 0.91
CA ILE D 69 -19.49 12.26 0.93
C ILE D 69 -18.02 11.86 0.98
N LEU D 70 -17.21 12.57 0.20
CA LEU D 70 -15.76 12.43 0.30
C LEU D 70 -15.23 13.69 0.98
N PHE D 71 -14.44 13.52 2.03
CA PHE D 71 -13.78 14.65 2.66
C PHE D 71 -12.30 14.63 2.33
N GLY D 72 -11.67 15.80 2.37
CA GLY D 72 -10.29 15.92 1.94
C GLY D 72 -9.38 16.66 2.90
N ALA D 73 -8.08 16.38 2.80
CA ALA D 73 -7.08 17.02 3.65
C ALA D 73 -6.29 18.10 2.90
N SER D 74 -6.59 18.26 1.62
CA SER D 74 -6.08 19.37 0.82
C SER D 74 -6.93 19.42 -0.44
N ASP D 75 -6.66 20.37 -1.33
CA ASP D 75 -7.44 20.45 -2.56
C ASP D 75 -6.88 19.50 -3.62
N GLN D 76 -5.58 19.57 -3.88
CA GLN D 76 -5.00 18.71 -4.90
C GLN D 76 -5.29 17.23 -4.66
N SER D 77 -5.27 16.81 -3.39
CA SER D 77 -5.51 15.41 -3.06
C SER D 77 -7.00 15.05 -3.15
N ALA D 78 -7.87 15.98 -2.75
CA ALA D 78 -9.31 15.75 -2.83
C ALA D 78 -9.78 15.67 -4.28
N LEU D 79 -9.24 16.54 -5.13
CA LEU D 79 -9.55 16.52 -6.55
C LEU D 79 -9.12 15.18 -7.15
N ALA D 80 -7.95 14.72 -6.75
CA ALA D 80 -7.42 13.43 -7.19
C ALA D 80 -8.33 12.27 -6.76
N ILE D 81 -8.70 12.26 -5.48
CA ILE D 81 -9.50 11.18 -4.93
C ILE D 81 -10.92 11.19 -5.51
N ALA D 82 -11.52 12.37 -5.62
CA ALA D 82 -12.85 12.48 -6.21
C ALA D 82 -12.84 12.05 -7.67
N SER D 83 -11.72 12.25 -8.35
CA SER D 83 -11.60 11.87 -9.75
C SER D 83 -11.54 10.37 -9.94
N ASP D 84 -11.38 9.62 -8.84
CA ASP D 84 -11.20 8.18 -8.92
C ASP D 84 -12.52 7.42 -8.90
N PHE D 85 -13.62 8.15 -8.91
CA PHE D 85 -14.93 7.52 -8.74
C PHE D 85 -15.80 7.59 -10.00
N GLY D 86 -15.18 7.79 -11.16
CA GLY D 86 -15.90 7.88 -12.42
C GLY D 86 -16.89 9.03 -12.43
N LYS D 87 -18.17 8.70 -12.56
CA LYS D 87 -19.22 9.73 -12.59
C LYS D 87 -20.11 9.73 -11.35
N ASP D 88 -19.72 9.00 -10.31
CA ASP D 88 -20.42 9.05 -9.03
C ASP D 88 -20.26 10.41 -8.37
N PHE D 89 -19.09 11.01 -8.55
CA PHE D 89 -18.82 12.33 -7.99
C PHE D 89 -18.46 13.29 -9.11
N ASN D 90 -18.82 14.56 -8.94
CA ASN D 90 -18.47 15.60 -9.89
C ASN D 90 -17.52 16.59 -9.25
N VAL D 91 -16.25 16.52 -9.63
CA VAL D 91 -15.16 17.22 -8.91
C VAL D 91 -15.29 18.73 -8.83
N SER D 92 -16.10 19.33 -9.70
CA SER D 92 -16.27 20.77 -9.69
C SER D 92 -17.00 21.21 -8.42
N LYS D 93 -17.56 20.24 -7.70
CA LYS D 93 -18.38 20.54 -6.53
C LYS D 93 -17.64 20.38 -5.21
N ILE D 94 -16.31 20.41 -5.26
CA ILE D 94 -15.50 20.32 -4.04
C ILE D 94 -15.63 21.61 -3.24
N LYS D 95 -15.97 21.48 -1.95
CA LYS D 95 -16.23 22.62 -1.08
C LYS D 95 -15.18 22.78 0.02
N PRO D 96 -14.27 23.76 -0.15
CA PRO D 96 -13.31 24.10 0.90
C PRO D 96 -14.03 24.80 2.06
N LEU D 97 -13.83 24.31 3.27
CA LEU D 97 -14.53 24.86 4.43
C LEU D 97 -13.60 25.44 5.50
N TYR D 98 -12.41 24.86 5.65
CA TYR D 98 -11.46 25.32 6.66
C TYR D 98 -10.04 25.18 6.15
N PHE D 99 -9.08 25.76 6.87
CA PHE D 99 -7.67 25.56 6.58
C PHE D 99 -6.86 25.47 7.87
N ARG D 100 -5.65 24.94 7.76
CA ARG D 100 -4.73 24.93 8.88
C ARG D 100 -3.31 25.00 8.34
N GLU D 101 -2.35 25.32 9.22
CA GLU D 101 -0.97 25.51 8.80
C GLU D 101 -0.16 24.22 8.91
N ALA D 102 0.90 24.14 8.12
CA ALA D 102 1.88 23.07 8.23
C ALA D 102 2.74 23.32 9.48
N ILE D 103 3.25 22.24 10.06
CA ILE D 103 4.16 22.34 11.20
C ILE D 103 5.31 21.36 11.04
N ILE D 104 6.31 21.50 11.92
CA ILE D 104 7.34 20.49 12.06
C ILE D 104 7.08 19.73 13.35
N LEU D 105 6.96 18.42 13.23
CA LEU D 105 6.85 17.57 14.41
C LEU D 105 8.21 16.95 14.67
N THR D 106 8.78 17.26 15.83
CA THR D 106 10.05 16.67 16.24
C THR D 106 9.80 15.59 17.30
N GLN D 107 10.81 14.78 17.57
CA GLN D 107 10.71 13.78 18.62
C GLN D 107 10.51 14.51 19.94
N LYS D 108 9.89 13.83 20.90
CA LYS D 108 9.59 14.45 22.18
C LYS D 108 10.85 15.08 22.75
N GLY D 109 10.74 16.32 23.24
CA GLY D 109 11.88 17.00 23.82
C GLY D 109 12.72 17.79 22.82
N ASN D 110 12.49 17.56 21.54
CA ASN D 110 13.22 18.27 20.48
C ASN D 110 14.73 18.28 20.76
N PRO D 111 15.33 17.07 20.84
CA PRO D 111 16.74 16.94 21.19
C PRO D 111 17.69 17.70 20.27
N LEU D 112 17.28 17.90 19.01
CA LEU D 112 18.13 18.62 18.06
C LEU D 112 17.82 20.13 18.01
N LYS D 113 16.87 20.55 18.83
CA LYS D 113 16.58 21.97 19.00
C LYS D 113 16.25 22.67 17.69
N ILE D 114 15.38 22.03 16.91
CA ILE D 114 14.89 22.59 15.65
C ILE D 114 14.01 23.82 15.89
N LYS D 115 14.35 24.94 15.26
CA LYS D 115 13.59 26.19 15.44
C LYS D 115 12.73 26.60 14.24
N GLY D 116 12.76 25.81 13.17
CA GLY D 116 11.98 26.13 11.98
C GLY D 116 12.52 25.42 10.75
N LEU D 117 12.02 25.80 9.58
CA LEU D 117 12.41 25.16 8.31
C LEU D 117 13.85 25.46 7.90
N LYS D 118 14.29 26.70 8.08
CA LYS D 118 15.66 27.08 7.75
C LYS D 118 16.66 26.33 8.63
N ASP D 119 16.27 26.09 9.87
CA ASP D 119 17.08 25.35 10.83
C ASP D 119 17.22 23.88 10.38
N LEU D 120 16.15 23.32 9.84
CA LEU D 120 16.20 21.96 9.28
C LEU D 120 17.16 21.85 8.10
N ALA D 121 17.24 22.91 7.30
CA ALA D 121 18.16 22.94 6.16
C ALA D 121 19.64 23.03 6.58
N ASN D 122 19.91 23.76 7.66
CA ASN D 122 21.28 23.97 8.14
C ASN D 122 21.86 22.85 9.00
N LYS D 123 21.01 22.01 9.57
CA LYS D 123 21.47 20.99 10.49
C LYS D 123 21.47 19.59 9.88
N LYS D 124 22.15 18.67 10.56
CA LYS D 124 22.07 17.26 10.21
C LYS D 124 20.82 16.70 10.87
N VAL D 125 19.82 16.39 10.05
CA VAL D 125 18.53 15.91 10.56
C VAL D 125 17.86 15.01 9.53
N ARG D 126 17.06 14.05 9.99
CA ARG D 126 16.30 13.20 9.09
C ARG D 126 14.83 13.65 9.03
N ILE D 127 14.40 14.06 7.85
CA ILE D 127 13.06 14.59 7.65
C ILE D 127 12.23 13.59 6.83
N VAL D 128 10.99 13.36 7.26
CA VAL D 128 10.00 12.68 6.42
C VAL D 128 8.98 13.67 5.90
N VAL D 129 8.66 13.53 4.61
CA VAL D 129 7.60 14.31 3.99
C VAL D 129 6.70 13.34 3.22
N PRO D 130 5.39 13.59 3.21
CA PRO D 130 4.50 12.81 2.37
C PRO D 130 4.46 13.37 0.94
N GLU D 131 4.77 12.53 -0.03
CA GLU D 131 4.74 12.93 -1.43
C GLU D 131 4.10 11.83 -2.25
N GLY D 132 3.05 12.18 -3.00
CA GLY D 132 2.28 11.20 -3.73
C GLY D 132 3.05 10.46 -4.81
N ALA D 133 4.10 11.09 -5.34
CA ALA D 133 4.87 10.53 -6.44
C ALA D 133 3.96 10.10 -7.59
N GLY D 134 2.81 10.77 -7.72
CA GLY D 134 1.88 10.50 -8.81
C GLY D 134 1.12 9.18 -8.69
N LYS D 135 1.35 8.44 -7.61
CA LYS D 135 0.71 7.14 -7.44
C LYS D 135 -0.15 7.09 -6.18
N SER D 136 0.04 8.06 -5.30
CA SER D 136 -0.71 8.13 -4.05
C SER D 136 -1.26 9.55 -3.86
N ASN D 137 -2.53 9.63 -3.47
CA ASN D 137 -3.19 10.91 -3.27
C ASN D 137 -3.09 11.37 -1.82
N THR D 138 -2.09 12.21 -1.53
CA THR D 138 -1.82 12.65 -0.18
C THR D 138 -1.76 14.18 -0.07
N SER D 139 -2.18 14.70 1.07
CA SER D 139 -2.19 16.14 1.32
C SER D 139 -0.80 16.75 1.33
N GLY D 140 0.23 15.92 1.49
CA GLY D 140 1.59 16.41 1.59
C GLY D 140 2.21 16.87 0.28
N THR D 141 1.69 16.35 -0.83
CA THR D 141 2.30 16.58 -2.14
C THR D 141 2.51 18.04 -2.50
N GLY D 142 3.77 18.42 -2.70
CA GLY D 142 4.12 19.78 -3.08
C GLY D 142 4.33 20.73 -1.92
N VAL D 143 4.09 20.25 -0.70
CA VAL D 143 4.15 21.12 0.49
C VAL D 143 5.55 21.59 0.85
N TRP D 144 6.51 20.66 0.95
CA TRP D 144 7.84 21.04 1.45
C TRP D 144 8.57 22.01 0.51
N GLU D 145 8.43 21.80 -0.79
CA GLU D 145 9.13 22.66 -1.75
C GLU D 145 8.54 24.06 -1.81
N ASP D 146 7.22 24.16 -1.64
CA ASP D 146 6.57 25.47 -1.66
C ASP D 146 6.94 26.32 -0.45
N MET D 147 7.17 25.68 0.70
CA MET D 147 7.61 26.40 1.90
C MET D 147 9.08 26.81 1.84
N ILE D 148 9.96 25.84 1.62
CA ILE D 148 11.39 26.12 1.58
C ILE D 148 11.77 26.93 0.33
N GLY D 149 11.04 26.72 -0.77
CA GLY D 149 11.29 27.51 -1.96
C GLY D 149 11.17 29.01 -1.74
N ARG D 150 10.34 29.40 -0.77
CA ARG D 150 10.08 30.81 -0.49
C ARG D 150 11.24 31.51 0.24
N THR D 151 12.27 30.75 0.59
CA THR D 151 13.51 31.36 1.06
C THR D 151 14.21 32.00 -0.13
N GLN D 152 13.82 31.57 -1.33
CA GLN D 152 14.38 32.06 -2.59
C GLN D 152 15.90 31.87 -2.65
N ASP D 153 16.37 30.75 -2.10
CA ASP D 153 17.78 30.44 -2.07
C ASP D 153 17.94 28.97 -2.45
N ILE D 154 18.57 28.71 -3.59
CA ILE D 154 18.68 27.35 -4.09
C ILE D 154 19.51 26.45 -3.18
N LYS D 155 20.49 27.04 -2.50
CA LYS D 155 21.33 26.24 -1.61
C LYS D 155 20.53 25.72 -0.41
N THR D 156 19.75 26.60 0.21
CA THR D 156 18.87 26.20 1.30
C THR D 156 17.91 25.08 0.85
N ILE D 157 17.37 25.23 -0.36
CA ILE D 157 16.49 24.21 -0.93
C ILE D 157 17.21 22.87 -1.11
N GLN D 158 18.46 22.94 -1.56
CA GLN D 158 19.27 21.75 -1.75
C GLN D 158 19.57 21.09 -0.42
N ASN D 159 20.00 21.90 0.55
CA ASN D 159 20.32 21.39 1.88
C ASN D 159 19.11 20.75 2.57
N PHE D 160 17.96 21.41 2.47
CA PHE D 160 16.73 20.86 3.03
C PHE D 160 16.43 19.50 2.39
N ARG D 161 16.44 19.45 1.06
CA ARG D 161 16.15 18.21 0.33
C ARG D 161 17.12 17.08 0.65
N ASN D 162 18.40 17.41 0.78
CA ASN D 162 19.41 16.42 1.13
C ASN D 162 19.17 15.78 2.50
N ASN D 163 18.41 16.48 3.34
CA ASN D 163 18.06 15.99 4.68
C ASN D 163 16.81 15.12 4.71
N ILE D 164 16.09 15.05 3.60
CA ILE D 164 14.89 14.22 3.54
C ILE D 164 15.31 12.76 3.45
N VAL D 165 15.00 12.01 4.49
CA VAL D 165 15.43 10.63 4.59
C VAL D 165 14.45 9.73 3.85
N ALA D 166 13.22 10.18 3.69
CA ALA D 166 12.21 9.40 3.00
C ALA D 166 11.01 10.23 2.52
N PHE D 167 10.61 9.98 1.27
CA PHE D 167 9.39 10.55 0.73
C PHE D 167 8.36 9.43 0.80
N VAL D 168 7.40 9.57 1.70
CA VAL D 168 6.43 8.51 1.95
C VAL D 168 5.10 8.82 1.26
N PRO D 169 4.33 7.78 0.89
CA PRO D 169 3.09 7.89 0.10
C PRO D 169 1.93 8.61 0.80
N ASN D 170 2.00 8.75 2.12
CA ASN D 170 0.91 9.40 2.85
C ASN D 170 1.29 9.74 4.29
N SER D 171 0.42 10.49 4.96
CA SER D 171 0.69 10.91 6.34
C SER D 171 0.76 9.72 7.31
N GLY D 172 -0.07 8.72 7.08
CA GLY D 172 -0.03 7.51 7.90
C GLY D 172 1.34 6.87 7.87
N SER D 173 1.97 6.88 6.70
CA SER D 173 3.28 6.26 6.53
C SER D 173 4.39 7.08 7.17
N ALA D 174 4.22 8.40 7.20
CA ALA D 174 5.17 9.27 7.88
C ALA D 174 5.10 9.04 9.37
N ARG D 175 3.87 9.03 9.90
CA ARG D 175 3.62 8.79 11.31
C ARG D 175 4.24 7.48 11.78
N LYS D 176 4.09 6.42 10.99
CA LYS D 176 4.66 5.13 11.33
C LYS D 176 6.19 5.21 11.40
N LEU D 177 6.79 5.78 10.37
CA LEU D 177 8.24 5.96 10.30
C LEU D 177 8.73 6.79 11.48
N PHE D 178 8.02 7.89 11.75
CA PHE D 178 8.33 8.79 12.86
C PHE D 178 8.26 8.07 14.22
N ALA D 179 7.16 7.36 14.44
CA ALA D 179 6.94 6.65 15.70
C ALA D 179 8.02 5.60 15.97
N GLN D 180 8.64 5.11 14.90
CA GLN D 180 9.74 4.16 15.02
C GLN D 180 11.08 4.87 15.16
N ASP D 181 11.01 6.19 15.29
CA ASP D 181 12.22 6.99 15.53
C ASP D 181 13.22 6.88 14.38
N GLN D 182 12.72 6.83 13.15
CA GLN D 182 13.60 6.76 11.99
C GLN D 182 13.62 8.10 11.27
N ALA D 183 12.90 9.07 11.82
CA ALA D 183 12.97 10.44 11.35
C ALA D 183 12.98 11.36 12.57
N ASP D 184 13.75 12.45 12.47
CA ASP D 184 13.85 13.43 13.54
C ASP D 184 12.78 14.49 13.41
N ALA D 185 12.32 14.71 12.18
CA ALA D 185 11.32 15.73 11.90
C ALA D 185 10.36 15.26 10.82
N TRP D 186 9.07 15.51 11.03
CA TRP D 186 8.04 15.13 10.10
C TRP D 186 7.24 16.37 9.72
N ILE D 187 7.28 16.70 8.45
CA ILE D 187 6.53 17.85 7.93
C ILE D 187 5.07 17.44 7.80
N THR D 188 4.22 18.08 8.60
CA THR D 188 2.83 17.67 8.69
C THR D 188 1.89 18.84 8.98
N TRP D 189 0.72 18.58 9.53
CA TRP D 189 -0.27 19.61 9.77
C TRP D 189 -0.56 19.79 11.26
N ILE D 190 -0.90 21.01 11.65
CA ILE D 190 -1.17 21.28 13.05
C ILE D 190 -2.18 20.29 13.63
N ASP D 191 -3.19 19.94 12.84
CA ASP D 191 -4.27 19.06 13.33
C ASP D 191 -3.76 17.69 13.75
N TRP D 192 -2.73 17.20 13.06
CA TRP D 192 -2.14 15.92 13.42
C TRP D 192 -1.54 15.99 14.82
N SER D 193 -0.93 17.12 15.16
CA SER D 193 -0.37 17.31 16.49
C SER D 193 -1.49 17.50 17.52
N LYS D 194 -2.50 18.30 17.16
CA LYS D 194 -3.64 18.52 18.04
C LYS D 194 -4.36 17.21 18.37
N SER D 195 -4.54 16.37 17.35
CA SER D 195 -5.25 15.11 17.52
C SER D 195 -4.43 14.11 18.32
N ASN D 196 -3.10 14.24 18.25
CA ASN D 196 -2.20 13.27 18.86
C ASN D 196 -1.12 13.96 19.70
N PRO D 197 -1.54 14.61 20.79
CA PRO D 197 -0.61 15.37 21.65
C PRO D 197 0.53 14.51 22.19
N ASP D 198 0.37 13.19 22.11
CA ASP D 198 1.35 12.26 22.67
C ASP D 198 2.54 11.95 21.76
N ILE D 199 2.40 12.20 20.46
CA ILE D 199 3.37 11.70 19.47
C ILE D 199 4.75 12.35 19.55
N GLY D 200 4.81 13.66 19.29
CA GLY D 200 6.10 14.34 19.26
C GLY D 200 5.93 15.74 19.80
N THR D 201 6.87 16.63 19.46
CA THR D 201 6.79 18.02 19.90
C THR D 201 6.70 18.93 18.69
N ALA D 202 5.65 19.76 18.64
CA ALA D 202 5.39 20.60 17.49
C ALA D 202 6.25 21.87 17.46
N VAL D 203 6.77 22.19 16.28
CA VAL D 203 7.58 23.39 16.08
C VAL D 203 6.94 24.21 14.96
N ALA D 204 6.59 25.45 15.27
CA ALA D 204 5.95 26.34 14.30
C ALA D 204 6.89 26.72 13.15
N ILE D 205 6.34 26.76 11.94
CA ILE D 205 7.09 27.13 10.75
C ILE D 205 7.06 28.65 10.56
N GLU D 206 8.18 29.23 10.13
CA GLU D 206 8.27 30.66 9.84
C GLU D 206 7.04 31.16 9.09
N LYS D 207 6.43 32.23 9.58
CA LYS D 207 5.22 32.79 8.97
C LYS D 207 5.39 33.11 7.49
N ASP D 208 6.60 33.45 7.07
CA ASP D 208 6.82 33.88 5.70
C ASP D 208 7.10 32.72 4.76
N LEU D 209 7.13 31.50 5.30
CA LEU D 209 7.40 30.31 4.50
C LEU D 209 6.24 29.32 4.50
N VAL D 210 5.55 29.24 5.65
CA VAL D 210 4.51 28.24 5.86
C VAL D 210 3.38 28.27 4.82
N VAL D 211 2.83 27.10 4.52
CA VAL D 211 1.63 27.05 3.70
C VAL D 211 0.43 26.55 4.50
N TYR D 212 -0.76 26.95 4.06
CA TYR D 212 -2.01 26.55 4.68
C TYR D 212 -2.83 25.79 3.65
N ARG D 213 -3.26 24.58 3.99
CA ARG D 213 -4.13 23.82 3.10
C ARG D 213 -5.47 23.53 3.75
N THR D 214 -6.43 23.10 2.93
CA THR D 214 -7.82 23.09 3.34
C THR D 214 -8.42 21.75 3.70
N PHE D 215 -9.49 21.81 4.48
CA PHE D 215 -10.44 20.71 4.62
C PHE D 215 -11.54 20.96 3.61
N ASN D 216 -12.02 19.89 2.98
CA ASN D 216 -13.12 20.01 2.03
C ASN D 216 -14.06 18.81 2.10
N VAL D 217 -15.23 18.96 1.50
CA VAL D 217 -16.17 17.86 1.35
C VAL D 217 -16.79 17.94 -0.04
N ILE D 218 -17.28 16.80 -0.53
CA ILE D 218 -18.07 16.77 -1.75
C ILE D 218 -19.11 15.67 -1.66
N ALA D 219 -20.38 16.05 -1.88
CA ALA D 219 -21.47 15.08 -1.83
C ALA D 219 -21.61 14.39 -3.18
N LYS D 220 -21.95 13.11 -3.15
CA LYS D 220 -22.10 12.34 -4.37
C LYS D 220 -23.24 12.90 -5.23
N GLU D 221 -23.21 12.59 -6.52
CA GLU D 221 -24.30 12.96 -7.40
C GLU D 221 -25.58 12.26 -6.96
N GLY D 222 -26.67 13.02 -6.85
CA GLY D 222 -27.93 12.46 -6.39
C GLY D 222 -27.92 12.25 -4.89
N ALA D 223 -27.09 13.01 -4.20
CA ALA D 223 -27.02 12.94 -2.74
C ALA D 223 -28.40 13.13 -2.14
N SER D 224 -28.67 12.43 -1.04
CA SER D 224 -29.95 12.54 -0.35
C SER D 224 -30.01 13.83 0.47
N LYS D 225 -31.22 14.19 0.89
CA LYS D 225 -31.43 15.40 1.68
C LYS D 225 -30.72 15.30 3.02
N GLU D 226 -30.71 14.10 3.59
CA GLU D 226 -29.98 13.83 4.83
C GLU D 226 -28.47 14.09 4.67
N THR D 227 -27.90 13.62 3.56
CA THR D 227 -26.51 13.88 3.24
C THR D 227 -26.25 15.39 3.20
N GLN D 228 -27.01 16.10 2.37
CA GLN D 228 -26.91 17.55 2.26
C GLN D 228 -27.02 18.24 3.61
N ASP D 229 -27.90 17.74 4.47
CA ASP D 229 -28.10 18.30 5.80
C ASP D 229 -26.84 18.19 6.65
N PHE D 230 -26.17 17.05 6.59
CA PHE D 230 -24.95 16.90 7.37
C PHE D 230 -23.86 17.82 6.82
N ILE D 231 -23.84 17.99 5.50
CA ILE D 231 -22.90 18.94 4.89
C ILE D 231 -23.14 20.32 5.47
N ALA D 232 -24.39 20.77 5.42
CA ALA D 232 -24.78 22.05 6.01
C ALA D 232 -24.30 22.17 7.46
N TYR D 233 -24.49 21.11 8.24
CA TYR D 233 -24.08 21.09 9.65
C TYR D 233 -22.58 21.34 9.86
N LEU D 234 -21.74 20.90 8.92
CA LEU D 234 -20.29 21.12 9.03
C LEU D 234 -19.92 22.62 9.09
N SER D 235 -20.85 23.48 8.69
CA SER D 235 -20.67 24.92 8.79
C SER D 235 -21.47 25.53 9.94
N SER D 236 -22.03 24.69 10.80
CA SER D 236 -22.80 25.18 11.94
C SER D 236 -21.87 25.73 13.02
N LYS D 237 -22.42 26.52 13.93
CA LYS D 237 -21.65 27.11 15.02
C LYS D 237 -20.94 26.04 15.84
N GLU D 238 -21.63 24.93 16.09
CA GLU D 238 -21.04 23.85 16.88
C GLU D 238 -19.95 23.09 16.14
N ALA D 239 -20.14 22.90 14.83
CA ALA D 239 -19.11 22.28 14.00
C ALA D 239 -17.86 23.17 13.93
N LYS D 240 -18.07 24.46 13.73
CA LYS D 240 -16.96 25.41 13.64
C LYS D 240 -16.03 25.31 14.84
N GLU D 241 -16.61 25.26 16.04
CA GLU D 241 -15.81 25.27 17.25
C GLU D 241 -15.05 23.97 17.49
N ILE D 242 -15.60 22.86 16.99
CA ILE D 242 -14.92 21.57 17.07
C ILE D 242 -13.71 21.54 16.12
N PHE D 243 -13.93 21.92 14.87
CA PHE D 243 -12.84 22.07 13.91
C PHE D 243 -11.77 22.99 14.50
N LYS D 244 -12.21 24.08 15.11
CA LYS D 244 -11.30 25.07 15.69
C LYS D 244 -10.42 24.50 16.80
N LYS D 245 -10.98 23.57 17.58
CA LYS D 245 -10.27 22.86 18.62
C LYS D 245 -9.11 22.00 18.07
N TYR D 246 -9.28 21.47 16.86
CA TYR D 246 -8.21 20.74 16.19
C TYR D 246 -7.31 21.61 15.32
N GLY D 247 -7.55 22.92 15.32
CA GLY D 247 -6.69 23.86 14.63
C GLY D 247 -7.15 24.25 13.25
N TRP D 248 -8.36 23.82 12.88
CA TRP D 248 -8.94 24.16 11.60
C TRP D 248 -9.57 25.54 11.65
N ARG D 249 -9.13 26.45 10.77
CA ARG D 249 -9.52 27.85 10.84
C ARG D 249 -10.29 28.38 9.63
N GLU D 250 -10.83 29.59 9.78
CA GLU D 250 -11.54 30.28 8.71
C GLU D 250 -10.91 31.63 8.35
N HIS D 251 -10.33 32.29 9.34
CA HIS D 251 -9.81 33.64 9.14
C HIS D 251 -8.41 33.77 9.72
#